data_4H9X
#
_entry.id   4H9X
#
_cell.length_a   51.552
_cell.length_b   129.156
_cell.length_c   51.637
_cell.angle_alpha   90.000
_cell.angle_beta   95.840
_cell.angle_gamma   90.000
#
_symmetry.space_group_name_H-M   'P 1 21 1'
#
loop_
_entity.id
_entity.type
_entity.pdbx_description
1 polymer Phosphotriesterase
2 non-polymer 'FE (III) ION'
3 non-polymer 'ZINC ION'
4 non-polymer 'HYDROXIDE ION'
5 non-polymer N-[(3S)-2-oxotetrahydrofuran-3-yl]butanamide
6 water water
#
_entity_poly.entity_id   1
_entity_poly.type   'polypeptide(L)'
_entity_poly.pdbx_seq_one_letter_code
;GSHNMAEMVETVCGPVPVEQLGKTLIHEHFLFGYPGFQGDVTRGTFREDESLRVAVEAAEKMKRHGIQTVVDPTPNDCGR
NPAFLRRVAEETGLNIICATGYYYGGEGAPPYFQFRRLLGTAEDDIYDMFMAELTEGIADTGIKAGVI(KCX)LASSKGR
ITEYEKMFFRAAARAQKETGAVIITHTQEGTMGPEQAAYLLEHGADPKKIVIGHMCGNTDPDYHRKTLAYGVYIAFDCFG
IQGMVGAPTDEERVRTLLALLRDGYEKQIMLSHNTVNVWLGRPFTLPEPFAEMMKNWHVEHLFVNIIPALKNEGIRDEVL
EQMFIGNPAALFSA
;
_entity_poly.pdbx_strand_id   A,B
#
loop_
_chem_comp.id
_chem_comp.type
_chem_comp.name
_chem_comp.formula
FE non-polymer 'FE (III) ION' 'Fe 3'
HL4 non-polymer N-[(3S)-2-oxotetrahydrofuran-3-yl]butanamide 'C8 H13 N O3'
OH non-polymer 'HYDROXIDE ION' 'H O -1'
ZN non-polymer 'ZINC ION' 'Zn 2'
#
# COMPACT_ATOMS: atom_id res chain seq x y z
N GLU A 7 -31.81 -15.54 3.26
CA GLU A 7 -31.63 -16.88 3.79
C GLU A 7 -30.24 -17.12 4.38
N MET A 8 -29.22 -17.13 3.51
CA MET A 8 -27.83 -17.43 3.89
C MET A 8 -26.92 -16.21 3.82
N VAL A 9 -25.85 -16.21 4.61
CA VAL A 9 -24.74 -15.29 4.42
C VAL A 9 -23.42 -16.08 4.40
N GLU A 10 -22.50 -15.70 3.52
CA GLU A 10 -21.17 -16.32 3.47
C GLU A 10 -20.29 -15.89 4.64
N THR A 11 -19.75 -16.87 5.36
CA THR A 11 -18.80 -16.58 6.43
C THR A 11 -17.47 -17.19 6.09
N VAL A 12 -16.51 -17.06 6.99
CA VAL A 12 -15.19 -17.62 6.71
C VAL A 12 -15.21 -19.14 6.81
N CYS A 13 -16.28 -19.68 7.39
CA CYS A 13 -16.50 -21.13 7.43
C CYS A 13 -17.65 -21.54 6.50
N GLY A 14 -17.85 -20.78 5.43
CA GLY A 14 -18.90 -21.08 4.46
C GLY A 14 -20.26 -20.49 4.78
N PRO A 15 -21.29 -20.87 3.99
CA PRO A 15 -22.63 -20.30 4.12
C PRO A 15 -23.25 -20.64 5.45
N VAL A 16 -23.98 -19.68 6.00
CA VAL A 16 -24.67 -19.87 7.28
C VAL A 16 -26.03 -19.19 7.20
N PRO A 17 -27.07 -19.85 7.71
CA PRO A 17 -28.38 -19.24 7.84
C PRO A 17 -28.37 -17.97 8.67
N VAL A 18 -28.98 -16.92 8.13
CA VAL A 18 -29.07 -15.64 8.83
C VAL A 18 -29.77 -15.74 10.18
N GLU A 19 -30.81 -16.57 10.26
CA GLU A 19 -31.49 -16.82 11.54
C GLU A 19 -30.50 -17.26 12.62
N GLN A 20 -29.42 -17.91 12.19
CA GLN A 20 -28.46 -18.46 13.13
C GLN A 20 -27.33 -17.49 13.50
N LEU A 21 -27.30 -16.31 12.87
CA LEU A 21 -26.22 -15.35 13.17
C LEU A 21 -26.27 -14.89 14.63
N GLY A 22 -27.49 -14.73 15.15
CA GLY A 22 -27.67 -14.30 16.53
C GLY A 22 -27.08 -12.94 16.83
N LYS A 23 -26.56 -12.80 18.05
CA LYS A 23 -26.06 -11.53 18.57
C LYS A 23 -24.73 -11.19 17.89
N THR A 24 -24.66 -9.99 17.31
CA THR A 24 -23.60 -9.66 16.37
C THR A 24 -22.94 -8.32 16.64
N LEU A 25 -21.60 -8.29 16.61
CA LEU A 25 -20.85 -7.05 16.49
C LEU A 25 -20.62 -6.71 15.01
N ILE A 26 -21.01 -5.50 14.60
CA ILE A 26 -21.07 -5.18 13.18
C ILE A 26 -19.71 -4.76 12.62
N HIS A 27 -18.72 -4.53 13.50
CA HIS A 27 -17.45 -3.95 13.03
C HIS A 27 -16.29 -4.09 14.03
N GLU A 28 -15.48 -5.14 13.87
CA GLU A 28 -14.30 -5.38 14.70
C GLU A 28 -13.19 -5.96 13.85
N HIS A 29 -11.93 -5.66 14.17
CA HIS A 29 -10.81 -6.25 13.40
C HIS A 29 -9.94 -7.18 14.21
N PHE A 30 -9.78 -8.42 13.75
CA PHE A 30 -8.82 -9.31 14.40
C PHE A 30 -7.41 -8.87 14.06
N LEU A 31 -7.16 -8.66 12.77
CA LEU A 31 -5.88 -8.11 12.33
C LEU A 31 -6.20 -6.84 11.58
N PHE A 32 -5.27 -5.88 11.62
CA PHE A 32 -5.36 -4.71 10.78
C PHE A 32 -4.01 -4.03 10.71
N GLY A 33 -3.68 -3.49 9.54
CA GLY A 33 -2.53 -2.63 9.40
C GLY A 33 -2.82 -1.56 8.36
N TYR A 34 -2.25 -0.38 8.54
CA TYR A 34 -2.45 0.70 7.59
C TYR A 34 -1.65 0.37 6.34
N PRO A 35 -2.25 0.58 5.15
CA PRO A 35 -1.57 0.32 3.87
C PRO A 35 -0.14 0.87 3.93
N GLY A 36 0.83 0.05 3.59
CA GLY A 36 2.22 0.45 3.70
C GLY A 36 2.89 -0.37 4.79
N PHE A 37 2.10 -1.04 5.62
CA PHE A 37 2.63 -1.86 6.66
C PHE A 37 3.53 -2.94 6.08
N GLN A 38 3.22 -3.47 4.92
CA GLN A 38 3.99 -4.52 4.30
C GLN A 38 5.44 -4.13 3.99
N GLY A 39 5.70 -2.87 3.74
CA GLY A 39 7.04 -2.39 3.56
C GLY A 39 7.94 -2.45 4.76
N ASP A 40 7.34 -2.58 5.93
CA ASP A 40 8.06 -2.48 7.21
C ASP A 40 8.20 -3.90 7.73
N VAL A 41 8.54 -4.83 6.83
CA VAL A 41 8.58 -6.24 7.22
C VAL A 41 9.74 -6.60 8.18
N THR A 42 10.88 -5.93 8.02
CA THR A 42 12.07 -6.31 8.81
C THR A 42 11.88 -6.07 10.31
N ARG A 43 11.11 -5.03 10.64
CA ARG A 43 10.81 -4.69 12.03
C ARG A 43 9.37 -5.00 12.37
N GLY A 44 8.57 -5.35 11.36
CA GLY A 44 7.14 -5.57 11.59
C GLY A 44 6.65 -6.91 11.07
N THR A 45 7.45 -7.95 11.25
CA THR A 45 7.11 -9.27 10.72
C THR A 45 5.93 -9.87 11.49
N PHE A 46 5.07 -10.57 10.76
CA PHE A 46 3.86 -11.16 11.33
C PHE A 46 4.14 -12.48 12.04
N ARG A 47 3.82 -12.55 13.33
CA ARG A 47 3.97 -13.79 14.09
C ARG A 47 2.63 -14.50 14.16
N GLU A 48 2.46 -15.54 13.34
CA GLU A 48 1.13 -16.13 13.19
C GLU A 48 0.59 -16.79 14.47
N ASP A 49 1.41 -17.60 15.13
CA ASP A 49 0.93 -18.34 16.29
C ASP A 49 0.57 -17.45 17.48
N GLU A 50 1.38 -16.43 17.75
CA GLU A 50 1.02 -15.46 18.79
C GLU A 50 -0.23 -14.63 18.41
N SER A 51 -0.32 -14.25 17.13
CA SER A 51 -1.45 -13.44 16.68
C SER A 51 -2.74 -14.25 16.75
N LEU A 52 -2.63 -15.54 16.43
CA LEU A 52 -3.77 -16.43 16.51
C LEU A 52 -4.23 -16.57 17.95
N ARG A 53 -3.28 -16.63 18.88
CA ARG A 53 -3.62 -16.69 20.31
C ARG A 53 -4.43 -15.48 20.75
N VAL A 54 -3.92 -14.30 20.42
CA VAL A 54 -4.60 -13.04 20.77
C VAL A 54 -6.00 -12.97 20.15
N ALA A 55 -6.11 -13.41 18.90
CA ALA A 55 -7.40 -13.36 18.20
C ALA A 55 -8.42 -14.30 18.81
N VAL A 56 -7.97 -15.50 19.17
CA VAL A 56 -8.83 -16.52 19.79
C VAL A 56 -9.30 -16.06 21.16
N GLU A 57 -8.40 -15.42 21.91
CA GLU A 57 -8.77 -14.74 23.15
C GLU A 57 -9.85 -13.68 22.93
N ALA A 58 -9.64 -12.80 21.96
CA ALA A 58 -10.64 -11.78 21.64
C ALA A 58 -12.00 -12.40 21.29
N ALA A 59 -11.99 -13.45 20.46
CA ALA A 59 -13.21 -14.18 20.10
C ALA A 59 -13.94 -14.77 21.32
N GLU A 60 -13.18 -15.29 22.28
CA GLU A 60 -13.79 -15.93 23.44
C GLU A 60 -14.51 -14.88 24.30
N LYS A 61 -13.80 -13.78 24.55
CA LYS A 61 -14.37 -12.63 25.22
C LYS A 61 -15.73 -12.25 24.66
N MET A 62 -15.81 -12.17 23.34
CA MET A 62 -17.07 -11.82 22.71
C MET A 62 -18.15 -12.89 22.95
N LYS A 63 -17.74 -14.15 22.92
CA LYS A 63 -18.67 -15.25 23.18
C LYS A 63 -19.18 -15.22 24.62
N ARG A 64 -18.38 -14.67 25.53
CA ARG A 64 -18.80 -14.52 26.92
C ARG A 64 -20.03 -13.62 27.05
N HIS A 65 -20.18 -12.68 26.14
CA HIS A 65 -21.31 -11.76 26.23
C HIS A 65 -22.40 -12.12 25.22
N GLY A 66 -22.36 -13.36 24.75
CA GLY A 66 -23.39 -13.87 23.86
C GLY A 66 -23.23 -13.54 22.39
N ILE A 67 -22.07 -12.99 22.00
CA ILE A 67 -21.79 -12.72 20.60
C ILE A 67 -21.63 -14.03 19.82
N GLN A 68 -22.41 -14.22 18.76
CA GLN A 68 -22.30 -15.43 17.95
C GLN A 68 -21.69 -15.14 16.58
N THR A 69 -21.62 -13.85 16.25
CA THR A 69 -21.26 -13.44 14.90
C THR A 69 -20.50 -12.11 14.93
N VAL A 70 -19.41 -12.04 14.18
CA VAL A 70 -18.67 -10.78 14.07
C VAL A 70 -18.41 -10.45 12.61
N VAL A 71 -18.71 -9.20 12.25
CA VAL A 71 -18.34 -8.73 10.93
C VAL A 71 -16.94 -8.11 11.00
N ASP A 72 -15.97 -8.69 10.28
CA ASP A 72 -14.61 -8.13 10.26
C ASP A 72 -14.33 -7.51 8.90
N PRO A 73 -14.47 -6.19 8.81
CA PRO A 73 -14.48 -5.58 7.48
C PRO A 73 -13.09 -5.08 7.06
N THR A 74 -12.04 -5.75 7.53
CA THR A 74 -10.68 -5.34 7.18
C THR A 74 -10.51 -5.31 5.67
N PRO A 75 -10.08 -4.16 5.13
CA PRO A 75 -9.94 -4.07 3.67
C PRO A 75 -8.80 -4.90 3.10
N ASN A 76 -8.87 -5.17 1.80
CA ASN A 76 -7.91 -6.04 1.11
C ASN A 76 -6.47 -5.58 1.29
N ASP A 77 -6.26 -4.27 1.32
CA ASP A 77 -4.90 -3.72 1.37
C ASP A 77 -4.55 -3.38 2.82
N CYS A 78 -5.35 -3.86 3.76
CA CYS A 78 -5.05 -3.64 5.18
C CYS A 78 -4.76 -4.92 5.92
N GLY A 79 -4.34 -5.96 5.19
CA GLY A 79 -3.99 -7.20 5.84
C GLY A 79 -5.12 -8.19 6.06
N ARG A 80 -6.22 -8.02 5.33
CA ARG A 80 -7.31 -9.00 5.34
C ARG A 80 -6.71 -10.37 5.08
N ASN A 81 -7.04 -11.32 5.94
CA ASN A 81 -6.45 -12.65 5.88
C ASN A 81 -7.50 -13.71 6.17
N PRO A 82 -8.29 -14.09 5.15
CA PRO A 82 -9.44 -14.97 5.35
C PRO A 82 -9.08 -16.31 6.00
N ALA A 83 -8.00 -16.97 5.55
CA ALA A 83 -7.60 -18.25 6.12
C ALA A 83 -7.30 -18.10 7.61
N PHE A 84 -6.68 -16.98 7.99
CA PHE A 84 -6.40 -16.74 9.39
C PHE A 84 -7.73 -16.59 10.16
N LEU A 85 -8.68 -15.85 9.59
CA LEU A 85 -9.98 -15.68 10.24
C LEU A 85 -10.68 -17.03 10.37
N ARG A 86 -10.53 -17.88 9.35
CA ARG A 86 -11.14 -19.19 9.37
C ARG A 86 -10.57 -20.00 10.52
N ARG A 87 -9.25 -19.86 10.76
CA ARG A 87 -8.60 -20.56 11.88
C ARG A 87 -9.19 -20.12 13.22
N VAL A 88 -9.49 -18.82 13.34
CA VAL A 88 -10.07 -18.29 14.57
C VAL A 88 -11.46 -18.88 14.77
N ALA A 89 -12.25 -18.87 13.70
CA ALA A 89 -13.61 -19.41 13.71
C ALA A 89 -13.61 -20.91 14.01
N GLU A 90 -12.74 -21.67 13.34
CA GLU A 90 -12.64 -23.10 13.57
C GLU A 90 -12.31 -23.42 15.03
N GLU A 91 -11.51 -22.57 15.67
CA GLU A 91 -11.15 -22.77 17.08
C GLU A 91 -12.24 -22.37 18.07
N THR A 92 -13.13 -21.48 17.68
CA THR A 92 -14.05 -20.87 18.65
C THR A 92 -15.54 -21.09 18.38
N GLY A 93 -15.90 -21.54 17.19
CA GLY A 93 -17.30 -21.63 16.78
C GLY A 93 -17.95 -20.28 16.48
N LEU A 94 -17.21 -19.20 16.66
CA LEU A 94 -17.68 -17.86 16.28
C LEU A 94 -17.91 -17.77 14.78
N ASN A 95 -19.00 -17.13 14.35
CA ASN A 95 -19.15 -16.83 12.92
C ASN A 95 -18.39 -15.56 12.62
N ILE A 96 -17.60 -15.59 11.54
CA ILE A 96 -16.92 -14.37 11.12
C ILE A 96 -17.19 -14.15 9.66
N ILE A 97 -17.65 -12.93 9.36
CA ILE A 97 -17.99 -12.54 8.00
C ILE A 97 -16.91 -11.56 7.61
N CYS A 98 -16.33 -11.71 6.42
CA CYS A 98 -15.25 -10.78 6.04
C CYS A 98 -15.66 -9.94 4.85
N ALA A 99 -14.82 -8.96 4.50
CA ALA A 99 -15.18 -8.00 3.46
C ALA A 99 -14.33 -8.08 2.18
N THR A 100 -14.84 -7.49 1.10
CA THR A 100 -14.00 -7.20 -0.06
C THR A 100 -14.06 -5.68 -0.17
N GLY A 101 -12.91 -5.03 -0.37
CA GLY A 101 -12.89 -3.58 -0.45
C GLY A 101 -11.50 -3.00 -0.23
N TYR A 102 -11.33 -1.70 -0.48
CA TYR A 102 -10.04 -1.02 -0.26
C TYR A 102 -10.17 0.12 0.75
N TYR A 103 -9.10 0.37 1.49
CA TYR A 103 -9.03 1.55 2.36
C TYR A 103 -9.26 2.84 1.54
N TYR A 104 -9.61 3.94 2.20
CA TYR A 104 -9.94 5.18 1.48
C TYR A 104 -8.75 5.84 0.78
N PRO A 110 -4.61 4.95 -4.47
CA PRO A 110 -3.66 5.00 -5.58
C PRO A 110 -2.43 4.20 -5.21
N PRO A 111 -1.44 4.08 -6.10
CA PRO A 111 -1.45 4.34 -7.54
C PRO A 111 -1.70 3.06 -8.36
N TYR A 112 -1.96 1.95 -7.69
CA TYR A 112 -2.28 0.72 -8.41
C TYR A 112 -3.57 0.89 -9.21
N PHE A 113 -4.66 1.25 -8.54
CA PHE A 113 -5.91 1.50 -9.25
C PHE A 113 -5.93 2.83 -10.00
N GLN A 114 -5.05 3.75 -9.62
CA GLN A 114 -4.88 4.96 -10.43
C GLN A 114 -4.23 4.64 -11.78
N PHE A 115 -3.28 3.70 -11.78
CA PHE A 115 -2.61 3.31 -13.02
C PHE A 115 -3.64 2.69 -13.96
N ARG A 116 -4.54 1.89 -13.39
CA ARG A 116 -5.53 1.18 -14.21
C ARG A 116 -6.61 2.11 -14.75
N ARG A 117 -6.77 3.24 -14.08
CA ARG A 117 -7.69 4.26 -14.55
C ARG A 117 -7.10 4.87 -15.81
N LEU A 118 -5.77 4.93 -15.87
CA LEU A 118 -5.07 5.37 -17.06
C LEU A 118 -5.35 4.41 -18.21
N LEU A 119 -5.50 3.13 -17.88
CA LEU A 119 -5.82 2.10 -18.88
C LEU A 119 -7.30 2.08 -19.25
N GLY A 120 -8.13 2.74 -18.45
CA GLY A 120 -9.56 2.80 -18.69
C GLY A 120 -10.37 1.64 -18.13
N THR A 121 -9.73 0.73 -17.41
CA THR A 121 -10.38 -0.50 -16.94
C THR A 121 -10.68 -0.51 -15.42
N ALA A 122 -10.28 0.56 -14.73
CA ALA A 122 -10.17 0.53 -13.28
C ALA A 122 -11.48 0.17 -12.59
N GLU A 123 -12.55 0.89 -12.93
CA GLU A 123 -13.81 0.69 -12.27
C GLU A 123 -14.34 -0.69 -12.62
N ASP A 124 -14.07 -1.14 -13.84
CA ASP A 124 -14.46 -2.49 -14.25
C ASP A 124 -13.68 -3.54 -13.48
N ASP A 125 -12.38 -3.30 -13.28
CA ASP A 125 -11.54 -4.24 -12.55
C ASP A 125 -11.99 -4.35 -11.11
N ILE A 126 -12.39 -3.22 -10.53
CA ILE A 126 -12.84 -3.19 -9.14
C ILE A 126 -14.13 -4.00 -9.05
N TYR A 127 -15.07 -3.76 -9.95
CA TYR A 127 -16.33 -4.53 -9.97
C TYR A 127 -16.02 -6.01 -10.09
N ASP A 128 -15.17 -6.36 -11.05
CA ASP A 128 -14.78 -7.75 -11.27
C ASP A 128 -14.17 -8.35 -10.01
N MET A 129 -13.45 -7.54 -9.25
CA MET A 129 -12.85 -8.04 -8.02
C MET A 129 -13.94 -8.32 -6.99
N PHE A 130 -14.86 -7.37 -6.81
CA PHE A 130 -15.97 -7.54 -5.88
C PHE A 130 -16.77 -8.80 -6.24
N MET A 131 -17.10 -8.97 -7.51
CA MET A 131 -17.88 -10.15 -7.97
C MET A 131 -17.15 -11.45 -7.70
N ALA A 132 -15.86 -11.48 -8.01
CA ALA A 132 -15.07 -12.68 -7.77
C ALA A 132 -15.01 -13.00 -6.28
N GLU A 133 -14.78 -12.00 -5.44
CA GLU A 133 -14.67 -12.30 -4.01
C GLU A 133 -16.02 -12.58 -3.32
N LEU A 134 -17.13 -12.16 -3.94
CA LEU A 134 -18.44 -12.36 -3.34
C LEU A 134 -19.06 -13.68 -3.81
N THR A 135 -18.72 -14.07 -5.03
CA THR A 135 -19.37 -15.20 -5.69
C THR A 135 -18.46 -16.39 -6.02
N GLU A 136 -17.14 -16.17 -6.10
CA GLU A 136 -16.22 -17.27 -6.43
C GLU A 136 -15.33 -17.63 -5.24
N GLY A 137 -14.64 -16.64 -4.67
CA GLY A 137 -13.79 -16.88 -3.51
C GLY A 137 -12.60 -15.94 -3.43
N ILE A 138 -12.08 -15.75 -2.23
CA ILE A 138 -10.90 -14.91 -2.06
C ILE A 138 -9.64 -15.74 -2.30
N ALA A 139 -8.86 -15.32 -3.29
CA ALA A 139 -7.66 -16.04 -3.71
C ALA A 139 -7.96 -17.52 -3.86
N ASP A 140 -7.24 -18.35 -3.09
CA ASP A 140 -7.48 -19.80 -3.12
C ASP A 140 -8.05 -20.29 -1.82
N THR A 141 -8.57 -19.37 -1.01
CA THR A 141 -8.97 -19.75 0.34
C THR A 141 -10.30 -20.50 0.28
N GLY A 142 -11.03 -20.31 -0.81
CA GLY A 142 -12.37 -20.90 -0.93
C GLY A 142 -13.35 -20.19 -0.02
N ILE A 143 -12.94 -19.03 0.52
CA ILE A 143 -13.81 -18.20 1.35
C ILE A 143 -14.36 -17.03 0.53
N LYS A 144 -15.66 -16.75 0.64
CA LYS A 144 -16.26 -15.57 0.01
C LYS A 144 -16.53 -14.50 1.02
N ALA A 145 -16.43 -13.23 0.59
CA ALA A 145 -16.71 -12.11 1.49
C ALA A 145 -18.21 -12.04 1.67
N GLY A 146 -18.68 -11.51 2.80
CA GLY A 146 -20.11 -11.30 2.97
C GLY A 146 -20.53 -9.85 2.86
N VAL A 147 -19.57 -8.93 2.92
CA VAL A 147 -19.92 -7.52 2.79
C VAL A 147 -18.96 -6.85 1.83
N ILE A 148 -19.40 -5.73 1.27
CA ILE A 148 -18.51 -4.90 0.48
C ILE A 148 -18.12 -3.75 1.37
N KCX A 149 -16.82 -3.46 1.41
CA KCX A 149 -16.36 -2.41 2.30
CB KCX A 149 -15.20 -2.92 3.14
CG KCX A 149 -14.51 -1.82 3.92
CD KCX A 149 -15.51 -1.16 4.88
CE KCX A 149 -14.81 -0.13 5.76
NZ KCX A 149 -13.79 -0.85 6.57
C KCX A 149 -15.94 -1.15 1.53
O KCX A 149 -15.05 -1.23 0.66
CX KCX A 149 -13.30 -0.25 7.66
OQ1 KCX A 149 -12.46 -0.80 8.38
OQ2 KCX A 149 -13.73 0.88 7.93
N LEU A 150 -16.56 -0.01 1.84
CA LEU A 150 -16.25 1.29 1.21
C LEU A 150 -15.78 2.33 2.24
N ALA A 151 -15.05 3.33 1.78
CA ALA A 151 -14.60 4.41 2.65
C ALA A 151 -14.46 5.70 1.86
N SER A 152 -14.86 6.82 2.45
CA SER A 152 -14.66 8.10 1.80
C SER A 152 -13.75 8.99 2.66
N SER A 153 -13.28 10.09 2.08
CA SER A 153 -12.36 10.99 2.77
C SER A 153 -13.08 12.11 3.56
N LYS A 154 -12.30 12.83 4.35
CA LYS A 154 -12.84 13.92 5.16
C LYS A 154 -13.44 15.04 4.31
N GLY A 155 -14.76 15.16 4.36
CA GLY A 155 -15.41 16.25 3.68
C GLY A 155 -15.68 16.01 2.20
N ARG A 156 -15.22 14.88 1.65
CA ARG A 156 -15.55 14.58 0.25
C ARG A 156 -15.46 13.11 -0.11
N ILE A 157 -16.13 12.74 -1.18
CA ILE A 157 -15.96 11.44 -1.78
C ILE A 157 -15.18 11.74 -3.05
N THR A 158 -13.90 11.39 -3.07
CA THR A 158 -13.04 11.71 -4.21
C THR A 158 -13.44 10.93 -5.45
N GLU A 159 -12.92 11.35 -6.59
CA GLU A 159 -13.14 10.61 -7.83
C GLU A 159 -12.60 9.17 -7.76
N TYR A 160 -11.50 8.96 -7.06
CA TYR A 160 -10.98 7.62 -6.81
C TYR A 160 -12.05 6.81 -6.04
N GLU A 161 -12.51 7.37 -4.93
CA GLU A 161 -13.45 6.66 -4.07
C GLU A 161 -14.75 6.37 -4.78
N LYS A 162 -15.17 7.27 -5.68
CA LYS A 162 -16.45 7.08 -6.36
C LYS A 162 -16.45 5.85 -7.26
N MET A 163 -15.27 5.50 -7.80
CA MET A 163 -15.13 4.32 -8.65
C MET A 163 -15.55 3.11 -7.84
N PHE A 164 -15.10 3.08 -6.59
CA PHE A 164 -15.39 1.97 -5.68
C PHE A 164 -16.86 1.96 -5.33
N PHE A 165 -17.41 3.16 -5.11
CA PHE A 165 -18.83 3.30 -4.78
C PHE A 165 -19.68 2.81 -5.92
N ARG A 166 -19.35 3.23 -7.14
CA ARG A 166 -20.11 2.78 -8.31
C ARG A 166 -19.95 1.27 -8.53
N ALA A 167 -18.71 0.80 -8.46
CA ALA A 167 -18.47 -0.66 -8.50
C ALA A 167 -19.28 -1.36 -7.41
N ALA A 168 -19.27 -0.80 -6.20
CA ALA A 168 -20.00 -1.46 -5.08
C ALA A 168 -21.49 -1.58 -5.40
N ALA A 169 -22.08 -0.49 -5.87
CA ALA A 169 -23.52 -0.47 -6.14
C ALA A 169 -23.86 -1.53 -7.20
N ARG A 170 -23.07 -1.51 -8.25
CA ARG A 170 -23.23 -2.44 -9.34
C ARG A 170 -23.17 -3.88 -8.82
N ALA A 171 -22.20 -4.16 -7.97
CA ALA A 171 -22.04 -5.50 -7.40
C ALA A 171 -23.20 -5.87 -6.49
N GLN A 172 -23.66 -4.90 -5.70
CA GLN A 172 -24.77 -5.19 -4.80
C GLN A 172 -26.03 -5.62 -5.55
N LYS A 173 -26.33 -4.96 -6.66
CA LYS A 173 -27.48 -5.35 -7.49
C LYS A 173 -27.41 -6.80 -7.93
N GLU A 174 -26.21 -7.29 -8.27
CA GLU A 174 -26.07 -8.66 -8.74
C GLU A 174 -26.18 -9.69 -7.62
N THR A 175 -25.69 -9.33 -6.44
CA THR A 175 -25.43 -10.32 -5.40
C THR A 175 -26.28 -10.13 -4.16
N GLY A 176 -26.83 -8.94 -3.98
CA GLY A 176 -27.53 -8.60 -2.75
C GLY A 176 -26.60 -8.57 -1.57
N ALA A 177 -25.30 -8.39 -1.83
CA ALA A 177 -24.32 -8.28 -0.75
C ALA A 177 -24.57 -7.02 0.05
N VAL A 178 -24.26 -7.06 1.35
CA VAL A 178 -24.31 -5.89 2.22
C VAL A 178 -23.16 -4.92 1.94
N ILE A 179 -23.43 -3.62 1.94
CA ILE A 179 -22.36 -2.65 1.89
C ILE A 179 -22.13 -2.03 3.25
N ILE A 180 -20.89 -2.06 3.73
CA ILE A 180 -20.54 -1.31 4.95
C ILE A 180 -19.56 -0.19 4.61
N THR A 181 -19.78 0.97 5.16
CA THR A 181 -18.97 2.13 4.89
C THR A 181 -18.22 2.68 6.08
N HIS A 182 -17.17 3.41 5.77
CA HIS A 182 -16.41 4.16 6.71
C HIS A 182 -16.57 5.64 6.33
N THR A 183 -16.95 6.48 7.27
CA THR A 183 -16.98 7.93 7.05
C THR A 183 -15.82 8.55 7.76
N GLN A 184 -15.23 9.60 7.22
CA GLN A 184 -14.04 10.17 7.87
C GLN A 184 -14.38 11.39 8.74
N GLU A 185 -14.03 11.34 10.03
CA GLU A 185 -14.30 12.46 10.96
C GLU A 185 -15.70 13.06 10.87
N GLY A 186 -16.71 12.20 10.85
CA GLY A 186 -18.08 12.67 10.91
C GLY A 186 -18.58 13.46 9.71
N THR A 187 -18.06 13.17 8.52
CA THR A 187 -18.56 13.80 7.31
C THR A 187 -19.06 12.79 6.27
N MET A 188 -19.98 13.26 5.41
CA MET A 188 -20.35 12.59 4.15
C MET A 188 -21.34 11.46 4.31
N GLY A 189 -21.77 11.21 5.54
CA GLY A 189 -22.84 10.26 5.79
C GLY A 189 -23.96 10.33 4.76
N PRO A 190 -24.62 11.49 4.66
CA PRO A 190 -25.78 11.58 3.77
C PRO A 190 -25.36 11.50 2.31
N GLU A 191 -24.22 12.09 1.98
CA GLU A 191 -23.70 12.05 0.61
C GLU A 191 -23.47 10.61 0.16
N GLN A 192 -22.88 9.80 1.05
CA GLN A 192 -22.59 8.40 0.74
C GLN A 192 -23.90 7.69 0.47
N ALA A 193 -24.86 7.87 1.36
CA ALA A 193 -26.16 7.20 1.19
C ALA A 193 -26.83 7.62 -0.12
N ALA A 194 -26.83 8.92 -0.37
CA ALA A 194 -27.46 9.47 -1.57
C ALA A 194 -26.79 8.94 -2.83
N TYR A 195 -25.46 8.93 -2.84
CA TYR A 195 -24.73 8.49 -4.03
C TYR A 195 -24.95 7.00 -4.32
N LEU A 196 -24.95 6.19 -3.28
CA LEU A 196 -25.14 4.75 -3.49
C LEU A 196 -26.55 4.51 -4.03
N LEU A 197 -27.52 5.27 -3.52
CA LEU A 197 -28.91 5.11 -3.96
C LEU A 197 -29.11 5.56 -5.40
N GLU A 198 -28.46 6.65 -5.79
CA GLU A 198 -28.46 7.09 -7.17
C GLU A 198 -28.06 5.94 -8.10
N HIS A 199 -27.08 5.14 -7.71
CA HIS A 199 -26.64 4.06 -8.57
C HIS A 199 -27.29 2.70 -8.30
N GLY A 200 -28.45 2.73 -7.65
CA GLY A 200 -29.30 1.57 -7.55
C GLY A 200 -29.09 0.68 -6.34
N ALA A 201 -28.26 1.10 -5.40
CA ALA A 201 -28.06 0.28 -4.19
C ALA A 201 -29.32 0.29 -3.35
N ASP A 202 -29.48 -0.73 -2.52
CA ASP A 202 -30.63 -0.87 -1.65
C ASP A 202 -30.28 -0.39 -0.24
N PRO A 203 -31.01 0.61 0.26
CA PRO A 203 -30.71 1.21 1.58
C PRO A 203 -30.79 0.21 2.71
N LYS A 204 -31.63 -0.81 2.58
CA LYS A 204 -31.78 -1.81 3.63
C LYS A 204 -30.55 -2.71 3.69
N LYS A 205 -29.67 -2.60 2.70
CA LYS A 205 -28.45 -3.40 2.60
C LYS A 205 -27.20 -2.54 2.78
N ILE A 206 -27.37 -1.38 3.42
CA ILE A 206 -26.27 -0.45 3.59
C ILE A 206 -26.13 0.02 5.02
N VAL A 207 -24.93 -0.10 5.56
CA VAL A 207 -24.60 0.43 6.87
C VAL A 207 -23.63 1.57 6.67
N ILE A 208 -23.98 2.75 7.17
CA ILE A 208 -23.06 3.89 7.10
C ILE A 208 -22.29 3.93 8.41
N GLY A 209 -20.99 3.67 8.33
CA GLY A 209 -20.21 3.46 9.53
C GLY A 209 -19.61 4.74 10.06
N HIS A 210 -19.04 4.64 11.26
CA HIS A 210 -18.36 5.73 11.96
C HIS A 210 -19.22 6.94 12.14
N MET A 211 -20.53 6.71 12.23
CA MET A 211 -21.45 7.82 12.40
C MET A 211 -21.24 8.51 13.74
N CYS A 212 -20.75 7.75 14.72
CA CYS A 212 -20.48 8.29 16.05
C CYS A 212 -19.42 9.40 16.07
N GLY A 213 -18.77 9.63 14.92
CA GLY A 213 -17.79 10.70 14.80
C GLY A 213 -18.39 12.09 14.64
N ASN A 214 -19.72 12.15 14.54
CA ASN A 214 -20.45 13.42 14.51
C ASN A 214 -21.47 13.47 15.66
N THR A 215 -21.47 14.58 16.39
CA THR A 215 -22.30 14.75 17.60
C THR A 215 -23.63 15.46 17.35
N ASP A 216 -23.86 15.90 16.12
CA ASP A 216 -25.09 16.59 15.75
C ASP A 216 -26.17 15.61 15.23
N PRO A 217 -27.16 15.30 16.08
CA PRO A 217 -28.20 14.32 15.72
C PRO A 217 -28.98 14.69 14.46
N ASP A 218 -28.99 15.98 14.11
CA ASP A 218 -29.53 16.40 12.82
C ASP A 218 -28.80 15.75 11.64
N TYR A 219 -27.47 15.72 11.73
CA TYR A 219 -26.60 15.05 10.75
C TYR A 219 -27.04 13.59 10.57
N HIS A 220 -27.17 12.87 11.68
CA HIS A 220 -27.65 11.49 11.63
C HIS A 220 -29.03 11.32 11.01
N ARG A 221 -29.98 12.17 11.40
CA ARG A 221 -31.35 12.06 10.89
C ARG A 221 -31.38 12.26 9.39
N LYS A 222 -30.53 13.18 8.93
CA LYS A 222 -30.31 13.41 7.51
C LYS A 222 -29.88 12.12 6.83
N THR A 223 -29.07 11.33 7.53
CA THR A 223 -28.56 10.10 6.94
C THR A 223 -29.63 9.01 7.01
N LEU A 224 -30.34 8.97 8.14
CA LEU A 224 -31.36 7.97 8.39
C LEU A 224 -32.54 8.12 7.46
N ALA A 225 -32.80 9.35 7.02
CA ALA A 225 -33.93 9.62 6.14
C ALA A 225 -33.86 8.79 4.85
N TYR A 226 -32.64 8.38 4.49
CA TYR A 226 -32.45 7.53 3.31
C TYR A 226 -32.84 6.07 3.54
N GLY A 227 -33.10 5.70 4.80
CA GLY A 227 -33.51 4.35 5.11
C GLY A 227 -32.36 3.38 5.30
N VAL A 228 -31.13 3.89 5.32
CA VAL A 228 -29.98 3.05 5.58
C VAL A 228 -29.82 2.81 7.08
N TYR A 229 -29.05 1.78 7.44
CA TYR A 229 -28.55 1.63 8.80
C TYR A 229 -27.37 2.57 9.01
N ILE A 230 -27.18 3.00 10.25
CA ILE A 230 -25.97 3.73 10.64
C ILE A 230 -25.30 2.95 11.76
N ALA A 231 -23.97 3.07 11.86
CA ALA A 231 -23.22 2.37 12.89
C ALA A 231 -22.54 3.35 13.82
N PHE A 232 -22.76 3.17 15.11
CA PHE A 232 -21.95 3.86 16.11
C PHE A 232 -20.91 2.83 16.48
N ASP A 233 -19.82 2.81 15.73
CA ASP A 233 -18.95 1.65 15.78
C ASP A 233 -17.54 1.96 16.28
N CYS A 234 -17.35 3.14 16.88
CA CYS A 234 -16.05 3.54 17.38
C CYS A 234 -16.01 3.73 18.90
N PHE A 235 -16.90 3.03 19.60
CA PHE A 235 -16.93 3.08 21.06
C PHE A 235 -15.59 2.67 21.64
N GLY A 236 -15.08 3.48 22.56
CA GLY A 236 -13.78 3.22 23.15
C GLY A 236 -12.67 4.03 22.51
N ILE A 237 -12.94 4.59 21.33
CA ILE A 237 -11.94 5.42 20.69
C ILE A 237 -12.16 6.87 21.06
N GLN A 238 -11.24 7.43 21.84
CA GLN A 238 -11.34 8.82 22.30
C GLN A 238 -10.01 9.55 22.24
N GLY A 239 -10.06 10.84 21.90
CA GLY A 239 -8.88 11.69 21.94
C GLY A 239 -7.90 11.50 20.80
N MET A 240 -8.25 10.65 19.84
CA MET A 240 -7.39 10.40 18.69
C MET A 240 -8.17 10.48 17.39
N VAL A 241 -7.53 11.02 16.35
CA VAL A 241 -8.16 11.21 15.04
C VAL A 241 -9.45 12.03 15.16
N GLY A 242 -9.37 13.17 15.85
CA GLY A 242 -10.51 14.05 16.07
C GLY A 242 -11.77 13.40 16.60
N ALA A 243 -11.60 12.36 17.42
CA ALA A 243 -12.74 11.59 17.92
C ALA A 243 -13.47 12.31 19.06
N PRO A 244 -14.79 12.11 19.13
CA PRO A 244 -15.60 12.56 20.27
C PRO A 244 -15.48 11.56 21.40
N THR A 245 -15.87 11.94 22.62
CA THR A 245 -15.76 11.03 23.76
C THR A 245 -16.94 10.07 23.74
N ASP A 246 -16.80 8.94 24.43
CA ASP A 246 -17.92 8.00 24.54
C ASP A 246 -19.17 8.66 25.12
N GLU A 247 -19.00 9.66 25.97
CA GLU A 247 -20.18 10.32 26.53
C GLU A 247 -20.97 11.06 25.46
N GLU A 248 -20.26 11.77 24.58
CA GLU A 248 -20.91 12.46 23.47
C GLU A 248 -21.60 11.46 22.56
N ARG A 249 -21.01 10.29 22.40
CA ARG A 249 -21.63 9.23 21.63
C ARG A 249 -22.95 8.82 22.27
N VAL A 250 -22.88 8.50 23.56
CA VAL A 250 -24.06 8.07 24.30
C VAL A 250 -25.16 9.11 24.21
N ARG A 251 -24.78 10.38 24.37
CA ARG A 251 -25.73 11.49 24.33
C ARG A 251 -26.43 11.46 22.99
N THR A 252 -25.63 11.36 21.92
CA THR A 252 -26.14 11.34 20.56
C THR A 252 -27.04 10.13 20.35
N LEU A 253 -26.53 8.97 20.74
CA LEU A 253 -27.27 7.71 20.58
C LEU A 253 -28.64 7.78 21.26
N LEU A 254 -28.68 8.29 22.49
CA LEU A 254 -29.92 8.42 23.26
C LEU A 254 -30.99 9.24 22.54
N ALA A 255 -30.55 10.30 21.85
CA ALA A 255 -31.48 11.18 21.17
C ALA A 255 -32.22 10.44 20.07
N LEU A 256 -31.51 9.53 19.41
CA LEU A 256 -32.06 8.83 18.26
C LEU A 256 -32.92 7.65 18.72
N LEU A 257 -32.54 7.05 19.84
CA LEU A 257 -33.30 5.94 20.37
C LEU A 257 -34.66 6.42 20.86
N ARG A 258 -34.65 7.58 21.52
CA ARG A 258 -35.89 8.18 22.02
C ARG A 258 -36.78 8.67 20.88
N ASP A 259 -36.16 8.97 19.75
CA ASP A 259 -36.86 9.45 18.57
C ASP A 259 -37.31 8.26 17.69
N GLY A 260 -37.05 7.04 18.17
CA GLY A 260 -37.56 5.84 17.51
C GLY A 260 -36.78 5.25 16.34
N TYR A 261 -35.46 5.44 16.33
CA TYR A 261 -34.63 4.96 15.21
C TYR A 261 -33.91 3.60 15.44
N GLU A 262 -34.27 2.89 16.50
CA GLU A 262 -33.54 1.66 16.88
C GLU A 262 -33.40 0.62 15.76
N LYS A 263 -34.42 0.49 14.91
CA LYS A 263 -34.36 -0.44 13.78
C LYS A 263 -33.34 -0.06 12.70
N GLN A 264 -32.62 1.03 12.91
CA GLN A 264 -31.66 1.51 11.93
C GLN A 264 -30.25 1.70 12.51
N ILE A 265 -30.07 1.34 13.78
CA ILE A 265 -28.81 1.61 14.47
C ILE A 265 -28.12 0.32 14.91
N MET A 266 -26.79 0.29 14.79
CA MET A 266 -25.98 -0.81 15.28
C MET A 266 -24.72 -0.29 15.96
N LEU A 267 -24.17 -1.07 16.89
CA LEU A 267 -23.06 -0.63 17.73
C LEU A 267 -21.85 -1.56 17.65
N SER A 268 -20.65 -0.99 17.87
CA SER A 268 -19.40 -1.75 17.81
C SER A 268 -18.24 -0.90 18.31
N HIS A 269 -17.05 -1.49 18.36
CA HIS A 269 -15.86 -0.80 18.86
C HIS A 269 -14.78 -0.52 17.80
N ASN A 270 -14.85 -1.21 16.66
CA ASN A 270 -13.81 -1.04 15.65
C ASN A 270 -12.42 -1.31 16.25
N THR A 271 -12.34 -2.35 17.08
CA THR A 271 -11.06 -2.76 17.68
C THR A 271 -10.12 -3.27 16.60
N VAL A 272 -8.83 -3.10 16.84
CA VAL A 272 -7.77 -3.83 16.17
C VAL A 272 -7.10 -4.69 17.25
N ASN A 273 -7.28 -6.00 17.17
CA ASN A 273 -6.74 -6.85 18.24
C ASN A 273 -5.26 -7.23 18.03
N VAL A 274 -4.88 -7.37 16.76
CA VAL A 274 -3.47 -7.52 16.38
C VAL A 274 -3.14 -6.50 15.33
N TRP A 275 -2.25 -5.57 15.68
CA TRP A 275 -1.74 -4.59 14.73
C TRP A 275 -0.68 -5.22 13.86
N LEU A 276 -0.77 -4.99 12.56
CA LEU A 276 0.23 -5.48 11.63
C LEU A 276 1.27 -4.40 11.43
N GLY A 277 2.48 -4.79 11.06
CA GLY A 277 3.56 -3.83 10.94
C GLY A 277 4.27 -3.71 12.28
N ARG A 278 4.98 -2.60 12.47
CA ARG A 278 5.88 -2.45 13.61
C ARG A 278 5.09 -2.18 14.89
N PRO A 279 5.46 -2.87 15.99
CA PRO A 279 4.79 -2.60 17.27
C PRO A 279 5.00 -1.15 17.67
N PHE A 280 4.08 -0.65 18.48
CA PHE A 280 4.14 0.72 18.93
C PHE A 280 3.43 0.79 20.27
N THR A 281 3.58 1.94 20.91
CA THR A 281 3.01 2.16 22.21
C THR A 281 2.47 3.56 22.16
N LEU A 282 1.16 3.72 22.34
CA LEU A 282 0.57 5.03 22.49
C LEU A 282 1.21 5.73 23.69
N PRO A 283 1.57 7.02 23.53
CA PRO A 283 2.11 7.80 24.64
C PRO A 283 1.00 8.06 25.64
N GLU A 284 1.34 8.11 26.93
CA GLU A 284 0.34 8.24 28.01
C GLU A 284 -0.61 9.46 27.93
N PRO A 285 -0.27 10.49 27.13
CA PRO A 285 -1.36 11.38 26.75
C PRO A 285 -2.53 10.61 26.12
N PHE A 286 -2.26 9.95 24.99
CA PHE A 286 -3.27 9.20 24.25
C PHE A 286 -3.73 7.92 24.98
N ALA A 287 -2.78 7.23 25.60
CA ALA A 287 -3.01 5.90 26.19
C ALA A 287 -4.20 5.79 27.13
N GLU A 288 -4.30 6.74 28.06
CA GLU A 288 -5.36 6.69 29.07
C GLU A 288 -6.74 6.86 28.44
N MET A 289 -6.84 7.76 27.46
CA MET A 289 -8.12 8.03 26.79
C MET A 289 -8.64 6.82 26.02
N MET A 290 -7.72 5.99 25.54
CA MET A 290 -8.07 4.84 24.72
C MET A 290 -8.22 3.57 25.55
N LYS A 291 -8.03 3.68 26.86
CA LYS A 291 -7.96 2.49 27.73
C LYS A 291 -9.16 1.56 27.61
N ASN A 292 -10.32 2.11 27.23
CA ASN A 292 -11.52 1.28 27.11
C ASN A 292 -11.76 0.68 25.72
N TRP A 293 -10.79 0.84 24.81
CA TRP A 293 -10.93 0.35 23.44
C TRP A 293 -10.66 -1.16 23.38
N HIS A 294 -11.65 -1.96 23.79
CA HIS A 294 -11.55 -3.43 23.73
C HIS A 294 -12.95 -4.01 23.53
N VAL A 295 -13.02 -5.29 23.17
CA VAL A 295 -14.31 -5.85 22.73
C VAL A 295 -15.37 -6.11 23.81
N GLU A 296 -15.08 -5.80 25.08
CA GLU A 296 -16.09 -6.02 26.11
C GLU A 296 -16.79 -4.71 26.51
N HIS A 297 -16.16 -3.62 26.12
CA HIS A 297 -16.49 -2.28 26.58
C HIS A 297 -17.97 -1.91 26.37
N LEU A 298 -18.51 -2.25 25.20
CA LEU A 298 -19.94 -2.14 24.98
C LEU A 298 -20.74 -2.89 26.07
N PHE A 299 -20.42 -4.14 26.31
CA PHE A 299 -21.15 -4.94 27.25
C PHE A 299 -21.00 -4.55 28.73
N VAL A 300 -19.78 -4.29 29.10
CA VAL A 300 -19.40 -3.81 30.39
C VAL A 300 -19.72 -2.39 30.80
N ASN A 301 -19.53 -1.43 29.90
CA ASN A 301 -19.73 -0.04 30.27
C ASN A 301 -20.79 0.75 29.55
N ILE A 302 -20.99 0.47 28.28
CA ILE A 302 -21.92 1.27 27.49
C ILE A 302 -23.37 0.84 27.65
N ILE A 303 -23.64 -0.43 27.42
CA ILE A 303 -24.99 -0.98 27.62
C ILE A 303 -25.54 -0.72 29.05
N PRO A 304 -24.71 -0.91 30.09
CA PRO A 304 -25.20 -0.58 31.44
C PRO A 304 -25.73 0.86 31.55
N ALA A 305 -24.94 1.82 31.08
CA ALA A 305 -25.38 3.21 31.09
C ALA A 305 -26.71 3.39 30.35
N LEU A 306 -26.86 2.70 29.22
CA LEU A 306 -28.09 2.79 28.44
C LEU A 306 -29.31 2.28 29.19
N LYS A 307 -29.12 1.20 29.96
CA LYS A 307 -30.18 0.65 30.79
C LYS A 307 -30.61 1.69 31.81
N ASN A 308 -29.62 2.28 32.49
CA ASN A 308 -29.82 3.32 33.51
C ASN A 308 -30.49 4.57 32.97
N GLU A 309 -30.45 4.74 31.66
CA GLU A 309 -31.14 5.83 31.00
C GLU A 309 -32.41 5.27 30.38
N GLY A 310 -32.82 4.11 30.86
CA GLY A 310 -34.09 3.54 30.48
C GLY A 310 -34.22 3.02 29.06
N ILE A 311 -33.11 2.58 28.47
CA ILE A 311 -33.25 1.84 27.22
C ILE A 311 -33.64 0.41 27.57
N ARG A 312 -34.66 -0.10 26.86
CA ARG A 312 -35.24 -1.41 27.11
C ARG A 312 -34.48 -2.54 26.42
N ASP A 313 -34.53 -3.72 27.02
CA ASP A 313 -33.86 -4.89 26.46
C ASP A 313 -34.39 -5.24 25.07
N GLU A 314 -35.68 -4.97 24.84
CA GLU A 314 -36.28 -5.20 23.53
C GLU A 314 -35.54 -4.38 22.45
N VAL A 315 -35.17 -3.15 22.82
CA VAL A 315 -34.48 -2.22 21.93
C VAL A 315 -33.06 -2.69 21.60
N LEU A 316 -32.27 -2.97 22.62
CA LEU A 316 -30.91 -3.50 22.45
C LEU A 316 -30.89 -4.77 21.59
N GLU A 317 -31.88 -5.62 21.78
CA GLU A 317 -31.97 -6.85 21.00
C GLU A 317 -32.26 -6.54 19.53
N GLN A 318 -33.01 -5.48 19.27
CA GLN A 318 -33.21 -5.03 17.90
C GLN A 318 -31.86 -4.64 17.28
N MET A 319 -31.00 -4.02 18.09
CA MET A 319 -29.70 -3.58 17.60
C MET A 319 -28.72 -4.72 17.33
N PHE A 320 -28.52 -5.61 18.30
CA PHE A 320 -27.55 -6.70 18.15
C PHE A 320 -28.09 -7.96 17.47
N ILE A 321 -29.41 -8.16 17.49
CA ILE A 321 -29.96 -9.37 16.89
C ILE A 321 -30.84 -9.10 15.68
N GLY A 322 -31.89 -8.31 15.88
CA GLY A 322 -32.86 -8.03 14.82
C GLY A 322 -32.25 -7.29 13.63
N ASN A 323 -31.52 -6.22 13.91
CA ASN A 323 -30.88 -5.44 12.86
C ASN A 323 -29.88 -6.22 11.98
N PRO A 324 -28.93 -6.94 12.61
CA PRO A 324 -28.03 -7.71 11.75
C PRO A 324 -28.83 -8.69 10.92
N ALA A 325 -29.84 -9.29 11.54
CA ALA A 325 -30.62 -10.33 10.88
C ALA A 325 -31.36 -9.75 9.69
N ALA A 326 -32.02 -8.62 9.91
CA ALA A 326 -32.70 -7.91 8.82
C ALA A 326 -31.70 -7.47 7.75
N LEU A 327 -30.55 -6.95 8.19
CA LEU A 327 -29.52 -6.47 7.28
C LEU A 327 -29.08 -7.55 6.30
N PHE A 328 -28.77 -8.73 6.82
CA PHE A 328 -28.32 -9.82 5.98
C PHE A 328 -29.45 -10.59 5.26
N SER A 329 -30.66 -10.52 5.80
CA SER A 329 -31.86 -11.00 5.10
C SER A 329 -32.57 -9.86 4.35
N GLU B 7 35.52 -1.06 -0.99
CA GLU B 7 35.94 -2.44 -1.15
C GLU B 7 34.81 -3.38 -1.57
N MET B 8 33.83 -3.57 -0.68
CA MET B 8 32.73 -4.51 -0.90
C MET B 8 31.39 -3.82 -1.08
N VAL B 9 30.47 -4.48 -1.79
CA VAL B 9 29.07 -4.09 -1.77
C VAL B 9 28.20 -5.32 -1.49
N GLU B 10 27.17 -5.15 -0.67
CA GLU B 10 26.22 -6.24 -0.39
C GLU B 10 25.31 -6.55 -1.58
N THR B 11 25.27 -7.81 -1.99
CA THR B 11 24.35 -8.22 -3.04
C THR B 11 23.37 -9.23 -2.46
N VAL B 12 22.49 -9.74 -3.31
CA VAL B 12 21.50 -10.70 -2.82
C VAL B 12 22.18 -12.05 -2.54
N CYS B 13 23.41 -12.20 -3.03
CA CYS B 13 24.23 -13.38 -2.72
C CYS B 13 25.38 -13.02 -1.79
N GLY B 14 25.17 -12.02 -0.94
CA GLY B 14 26.18 -11.59 0.02
C GLY B 14 27.19 -10.58 -0.53
N PRO B 15 28.24 -10.30 0.26
CA PRO B 15 29.23 -9.26 -0.09
C PRO B 15 30.01 -9.64 -1.33
N VAL B 16 30.31 -8.64 -2.15
CA VAL B 16 31.09 -8.85 -3.36
C VAL B 16 32.02 -7.66 -3.53
N PRO B 17 33.28 -7.92 -3.89
CA PRO B 17 34.23 -6.87 -4.23
C PRO B 17 33.75 -5.98 -5.37
N VAL B 18 33.83 -4.68 -5.16
CA VAL B 18 33.39 -3.71 -6.17
C VAL B 18 34.15 -3.85 -7.50
N GLU B 19 35.44 -4.16 -7.43
CA GLU B 19 36.24 -4.41 -8.63
C GLU B 19 35.59 -5.49 -9.51
N GLN B 20 34.84 -6.39 -8.88
CA GLN B 20 34.27 -7.51 -9.60
C GLN B 20 32.87 -7.25 -10.12
N LEU B 21 32.30 -6.07 -9.82
CA LEU B 21 30.94 -5.75 -10.30
C LEU B 21 30.87 -5.69 -11.82
N GLY B 22 31.94 -5.18 -12.43
CA GLY B 22 32.00 -5.09 -13.88
C GLY B 22 30.91 -4.22 -14.49
N LYS B 23 30.45 -4.64 -15.66
CA LYS B 23 29.49 -3.87 -16.46
C LYS B 23 28.12 -3.94 -15.82
N THR B 24 27.52 -2.78 -15.56
CA THR B 24 26.37 -2.68 -14.67
C THR B 24 25.22 -1.86 -15.26
N LEU B 25 24.00 -2.40 -15.16
CA LEU B 25 22.79 -1.60 -15.32
C LEU B 25 22.36 -1.02 -13.96
N ILE B 26 22.20 0.30 -13.89
CA ILE B 26 22.03 0.95 -12.61
C ILE B 26 20.58 0.87 -12.09
N HIS B 27 19.64 0.45 -12.95
CA HIS B 27 18.23 0.55 -12.57
C HIS B 27 17.28 -0.31 -13.42
N GLU B 28 17.00 -1.53 -12.96
CA GLU B 28 16.06 -2.44 -13.63
C GLU B 28 15.23 -3.18 -12.58
N HIS B 29 13.98 -3.55 -12.91
CA HIS B 29 13.17 -4.34 -11.96
C HIS B 29 12.83 -5.72 -12.45
N PHE B 30 13.19 -6.75 -11.67
CA PHE B 30 12.70 -8.08 -12.01
C PHE B 30 11.23 -8.21 -11.73
N LEU B 31 10.83 -7.80 -10.54
CA LEU B 31 9.41 -7.74 -10.17
C LEU B 31 9.14 -6.31 -9.76
N PHE B 32 7.90 -5.88 -10.00
CA PHE B 32 7.44 -4.60 -9.51
C PHE B 32 5.93 -4.55 -9.55
N GLY B 33 5.34 -3.92 -8.54
CA GLY B 33 3.92 -3.61 -8.57
C GLY B 33 3.68 -2.30 -7.86
N TYR B 34 2.66 -1.57 -8.29
CA TYR B 34 2.35 -0.30 -7.64
C TYR B 34 1.68 -0.60 -6.32
N PRO B 35 2.07 0.15 -5.25
CA PRO B 35 1.49 -0.04 -3.91
C PRO B 35 -0.02 -0.18 -4.04
N GLY B 36 -0.57 -1.22 -3.45
CA GLY B 36 -1.99 -1.48 -3.58
C GLY B 36 -2.21 -2.75 -4.38
N PHE B 37 -1.18 -3.18 -5.13
CA PHE B 37 -1.27 -4.44 -5.88
C PHE B 37 -1.65 -5.61 -4.97
N GLN B 38 -1.27 -5.56 -3.70
CA GLN B 38 -1.51 -6.72 -2.82
C GLN B 38 -3.00 -6.91 -2.49
N GLY B 39 -3.80 -5.86 -2.64
CA GLY B 39 -5.23 -5.98 -2.40
C GLY B 39 -5.95 -6.72 -3.52
N ASP B 40 -5.26 -6.86 -4.65
CA ASP B 40 -5.85 -7.38 -5.88
C ASP B 40 -5.37 -8.81 -6.01
N VAL B 41 -5.33 -9.53 -4.91
CA VAL B 41 -4.76 -10.87 -4.92
C VAL B 41 -5.60 -11.90 -5.68
N THR B 42 -6.93 -11.75 -5.63
CA THR B 42 -7.80 -12.80 -6.22
C THR B 42 -7.64 -12.88 -7.75
N ARG B 43 -7.38 -11.74 -8.37
CA ARG B 43 -7.16 -11.67 -9.81
C ARG B 43 -5.70 -11.42 -10.15
N GLY B 44 -4.89 -11.12 -9.13
CA GLY B 44 -3.49 -10.79 -9.38
C GLY B 44 -2.51 -11.62 -8.56
N THR B 45 -2.81 -12.91 -8.41
CA THR B 45 -1.97 -13.77 -7.60
C THR B 45 -0.60 -14.01 -8.25
N PHE B 46 0.43 -14.06 -7.42
CA PHE B 46 1.82 -14.22 -7.89
C PHE B 46 2.17 -15.68 -8.22
N ARG B 47 2.55 -15.93 -9.47
CA ARG B 47 2.97 -17.27 -9.87
C ARG B 47 4.49 -17.35 -9.84
N GLU B 48 5.04 -17.98 -8.81
CA GLU B 48 6.48 -17.89 -8.58
C GLU B 48 7.31 -18.56 -9.67
N ASP B 49 6.96 -19.79 -10.04
CA ASP B 49 7.76 -20.52 -11.02
C ASP B 49 7.79 -19.89 -12.40
N GLU B 50 6.64 -19.40 -12.87
CA GLU B 50 6.62 -18.68 -14.15
C GLU B 50 7.40 -17.34 -14.07
N SER B 51 7.23 -16.64 -12.94
CA SER B 51 7.90 -15.34 -12.77
C SER B 51 9.40 -15.54 -12.72
N LEU B 52 9.83 -16.63 -12.08
CA LEU B 52 11.24 -16.95 -11.98
C LEU B 52 11.80 -17.25 -13.36
N ARG B 53 11.03 -17.94 -14.19
CA ARG B 53 11.44 -18.21 -15.57
C ARG B 53 11.69 -16.91 -16.36
N VAL B 54 10.71 -16.02 -16.30
CA VAL B 54 10.81 -14.73 -16.99
C VAL B 54 12.02 -13.92 -16.49
N ALA B 55 12.22 -13.93 -15.17
CA ALA B 55 13.33 -13.17 -14.58
C ALA B 55 14.69 -13.73 -14.99
N VAL B 56 14.79 -15.06 -15.01
CA VAL B 56 16.04 -15.74 -15.41
C VAL B 56 16.35 -15.48 -16.87
N GLU B 57 15.31 -15.48 -17.71
CA GLU B 57 15.44 -15.08 -19.11
C GLU B 57 15.98 -13.64 -19.23
N ALA B 58 15.36 -12.71 -18.50
CA ALA B 58 15.81 -11.32 -18.51
C ALA B 58 17.28 -11.22 -18.08
N ALA B 59 17.66 -11.91 -17.02
CA ALA B 59 19.06 -11.95 -16.55
C ALA B 59 20.04 -12.47 -17.61
N GLU B 60 19.63 -13.49 -18.36
CA GLU B 60 20.51 -14.08 -19.37
C GLU B 60 20.77 -13.09 -20.49
N LYS B 61 19.69 -12.49 -20.97
CA LYS B 61 19.75 -11.42 -21.95
C LYS B 61 20.80 -10.37 -21.59
N MET B 62 20.78 -9.93 -20.34
CA MET B 62 21.74 -8.94 -19.88
C MET B 62 23.17 -9.48 -19.91
N LYS B 63 23.32 -10.74 -19.53
CA LYS B 63 24.63 -11.38 -19.55
C LYS B 63 25.17 -11.50 -20.98
N ARG B 64 24.27 -11.59 -21.96
CA ARG B 64 24.67 -11.65 -23.36
C ARG B 64 25.40 -10.38 -23.78
N HIS B 65 25.11 -9.26 -23.13
CA HIS B 65 25.76 -8.01 -23.53
C HIS B 65 26.82 -7.61 -22.53
N GLY B 66 27.28 -8.60 -21.75
CA GLY B 66 28.38 -8.39 -20.82
C GLY B 66 28.00 -7.79 -19.48
N ILE B 67 26.71 -7.69 -19.18
CA ILE B 67 26.24 -7.21 -17.87
C ILE B 67 26.59 -8.23 -16.79
N GLN B 68 27.32 -7.80 -15.75
CA GLN B 68 27.69 -8.69 -14.65
C GLN B 68 26.95 -8.34 -13.37
N THR B 69 26.33 -7.15 -13.37
CA THR B 69 25.76 -6.62 -12.16
C THR B 69 24.52 -5.78 -12.50
N VAL B 70 23.45 -5.98 -11.73
CA VAL B 70 22.24 -5.16 -11.89
C VAL B 70 21.79 -4.60 -10.56
N VAL B 71 21.52 -3.29 -10.54
CA VAL B 71 20.90 -2.70 -9.37
C VAL B 71 19.38 -2.77 -9.53
N ASP B 72 18.70 -3.49 -8.63
CA ASP B 72 17.23 -3.58 -8.66
C ASP B 72 16.65 -2.79 -7.49
N PRO B 73 16.20 -1.57 -7.74
CA PRO B 73 15.87 -0.69 -6.62
C PRO B 73 14.37 -0.73 -6.28
N THR B 74 13.72 -1.87 -6.52
CA THR B 74 12.31 -2.00 -6.19
C THR B 74 12.07 -1.66 -4.73
N PRO B 75 11.15 -0.72 -4.46
CA PRO B 75 10.93 -0.33 -3.07
C PRO B 75 10.19 -1.38 -2.24
N ASN B 76 10.29 -1.25 -0.92
CA ASN B 76 9.75 -2.24 0.00
C ASN B 76 8.26 -2.51 -0.19
N ASP B 77 7.52 -1.46 -0.53
CA ASP B 77 6.06 -1.55 -0.67
C ASP B 77 5.68 -1.78 -2.14
N CYS B 78 6.66 -2.09 -2.96
CA CYS B 78 6.39 -2.37 -4.37
C CYS B 78 6.72 -3.79 -4.75
N GLY B 79 6.72 -4.68 -3.76
CA GLY B 79 6.95 -6.08 -4.06
C GLY B 79 8.39 -6.54 -4.05
N ARG B 80 9.27 -5.74 -3.45
CA ARG B 80 10.68 -6.15 -3.29
C ARG B 80 10.69 -7.52 -2.65
N ASN B 81 11.46 -8.42 -3.24
CA ASN B 81 11.47 -9.81 -2.82
C ASN B 81 12.90 -10.36 -2.90
N PRO B 82 13.70 -10.10 -1.86
CA PRO B 82 15.13 -10.47 -1.90
C PRO B 82 15.38 -11.95 -2.17
N ALA B 83 14.64 -12.84 -1.49
CA ALA B 83 14.83 -14.28 -1.71
C ALA B 83 14.59 -14.66 -3.16
N PHE B 84 13.58 -14.04 -3.77
CA PHE B 84 13.33 -14.29 -5.18
C PHE B 84 14.51 -13.80 -6.02
N LEU B 85 15.04 -12.62 -5.69
CA LEU B 85 16.19 -12.09 -6.45
C LEU B 85 17.39 -13.01 -6.27
N ARG B 86 17.54 -13.55 -5.07
CA ARG B 86 18.66 -14.44 -4.79
C ARG B 86 18.55 -15.69 -5.66
N ARG B 87 17.32 -16.18 -5.86
CA ARG B 87 17.10 -17.35 -6.72
C ARG B 87 17.51 -17.04 -8.15
N VAL B 88 17.24 -15.83 -8.61
CA VAL B 88 17.61 -15.43 -9.97
C VAL B 88 19.13 -15.40 -10.10
N ALA B 89 19.78 -14.79 -9.12
CA ALA B 89 21.24 -14.71 -9.08
C ALA B 89 21.89 -16.09 -8.98
N GLU B 90 21.38 -16.93 -8.09
CA GLU B 90 21.90 -18.30 -7.93
C GLU B 90 21.82 -19.09 -9.24
N GLU B 91 20.78 -18.84 -10.04
CA GLU B 91 20.62 -19.52 -11.32
C GLU B 91 21.49 -18.98 -12.45
N THR B 92 21.91 -17.72 -12.34
CA THR B 92 22.54 -17.06 -13.49
C THR B 92 23.97 -16.57 -13.26
N GLY B 93 24.41 -16.49 -12.00
CA GLY B 93 25.69 -15.88 -11.67
C GLY B 93 25.70 -14.35 -11.77
N LEU B 94 24.58 -13.77 -12.17
CA LEU B 94 24.43 -12.30 -12.17
C LEU B 94 24.51 -11.76 -10.75
N ASN B 95 25.20 -10.64 -10.56
CA ASN B 95 25.14 -9.95 -9.27
C ASN B 95 23.90 -9.07 -9.26
N ILE B 96 23.11 -9.16 -8.18
CA ILE B 96 21.97 -8.29 -8.03
C ILE B 96 22.04 -7.60 -6.70
N ILE B 97 21.93 -6.27 -6.75
CA ILE B 97 21.99 -5.45 -5.56
C ILE B 97 20.58 -4.94 -5.36
N CYS B 98 20.04 -5.00 -4.14
CA CYS B 98 18.66 -4.55 -3.97
C CYS B 98 18.60 -3.35 -3.05
N ALA B 99 17.43 -2.74 -2.92
CA ALA B 99 17.29 -1.48 -2.17
C ALA B 99 16.48 -1.58 -0.88
N THR B 100 16.65 -0.59 -0.01
CA THR B 100 15.70 -0.38 1.07
C THR B 100 15.09 1.00 0.80
N GLY B 101 13.78 1.12 0.90
CA GLY B 101 13.13 2.41 0.62
C GLY B 101 11.65 2.26 0.33
N TYR B 102 10.93 3.38 0.23
CA TYR B 102 9.49 3.38 -0.07
C TYR B 102 9.20 4.18 -1.34
N TYR B 103 8.17 3.77 -2.06
CA TYR B 103 7.66 4.55 -3.20
C TYR B 103 7.26 5.97 -2.75
N TYR B 104 7.16 6.90 -3.70
CA TYR B 104 6.94 8.31 -3.32
C TYR B 104 5.55 8.60 -2.73
N PRO B 110 1.76 7.55 2.78
CA PRO B 110 0.85 7.40 3.93
C PRO B 110 0.10 6.09 3.78
N PRO B 111 -0.79 5.76 4.74
CA PRO B 111 -1.02 6.28 6.10
C PRO B 111 -0.24 5.52 7.17
N TYR B 112 0.52 4.48 6.79
CA TYR B 112 1.28 3.73 7.78
C TYR B 112 2.33 4.62 8.45
N PHE B 113 3.21 5.22 7.65
CA PHE B 113 4.19 6.15 8.21
C PHE B 113 3.61 7.51 8.58
N GLN B 114 2.45 7.84 8.02
CA GLN B 114 1.74 9.02 8.51
C GLN B 114 1.19 8.82 9.93
N PHE B 115 0.73 7.60 10.22
CA PHE B 115 0.22 7.29 11.56
C PHE B 115 1.36 7.42 12.57
N ARG B 116 2.54 6.95 12.18
CA ARG B 116 3.68 6.96 13.09
C ARG B 116 4.23 8.36 13.31
N ARG B 117 3.95 9.26 12.37
CA ARG B 117 4.32 10.65 12.51
C ARG B 117 3.46 11.26 13.60
N LEU B 118 2.23 10.76 13.72
CA LEU B 118 1.34 11.16 14.80
C LEU B 118 1.94 10.74 16.14
N LEU B 119 2.63 9.59 16.14
CA LEU B 119 3.29 9.09 17.35
C LEU B 119 4.63 9.78 17.63
N GLY B 120 5.15 10.50 16.63
CA GLY B 120 6.40 11.21 16.77
C GLY B 120 7.66 10.40 16.49
N THR B 121 7.49 9.15 16.06
CA THR B 121 8.63 8.24 15.88
C THR B 121 8.99 7.96 14.41
N ALA B 122 8.23 8.55 13.49
CA ALA B 122 8.22 8.12 12.10
C ALA B 122 9.59 8.18 11.46
N GLU B 123 10.23 9.34 11.53
CA GLU B 123 11.50 9.53 10.88
C GLU B 123 12.55 8.63 11.53
N ASP B 124 12.40 8.41 12.85
CA ASP B 124 13.31 7.52 13.56
C ASP B 124 13.09 6.08 13.11
N ASP B 125 11.82 5.71 12.93
CA ASP B 125 11.49 4.34 12.52
C ASP B 125 12.03 4.06 11.13
N ILE B 126 11.94 5.07 10.26
CA ILE B 126 12.42 4.93 8.90
C ILE B 126 13.95 4.73 8.96
N TYR B 127 14.65 5.55 9.72
CA TYR B 127 16.11 5.42 9.86
C TYR B 127 16.45 4.03 10.35
N ASP B 128 15.78 3.63 11.43
CA ASP B 128 15.98 2.31 12.01
C ASP B 128 15.74 1.22 10.98
N MET B 129 14.80 1.44 10.07
CA MET B 129 14.54 0.43 9.04
C MET B 129 15.70 0.37 8.05
N PHE B 130 16.14 1.54 7.57
CA PHE B 130 17.28 1.62 6.68
C PHE B 130 18.51 0.93 7.31
N MET B 131 18.80 1.25 8.57
CA MET B 131 19.98 0.67 9.25
C MET B 131 19.87 -0.85 9.34
N ALA B 132 18.69 -1.33 9.74
CA ALA B 132 18.52 -2.78 9.88
C ALA B 132 18.68 -3.46 8.51
N GLU B 133 18.12 -2.86 7.46
CA GLU B 133 18.22 -3.54 6.17
C GLU B 133 19.59 -3.39 5.49
N LEU B 134 20.37 -2.41 5.92
CA LEU B 134 21.69 -2.20 5.31
C LEU B 134 22.76 -2.97 6.06
N THR B 135 22.55 -3.14 7.36
CA THR B 135 23.58 -3.69 8.26
C THR B 135 23.22 -5.01 8.93
N GLU B 136 21.93 -5.34 9.04
CA GLU B 136 21.55 -6.61 9.68
C GLU B 136 20.97 -7.60 8.68
N GLY B 137 19.97 -7.18 7.91
CA GLY B 137 19.35 -8.05 6.91
C GLY B 137 17.88 -7.74 6.66
N ILE B 138 17.39 -8.07 5.46
CA ILE B 138 15.98 -7.90 5.16
C ILE B 138 15.18 -9.08 5.68
N ALA B 139 14.24 -8.79 6.58
CA ALA B 139 13.42 -9.82 7.23
C ALA B 139 14.31 -10.95 7.74
N ASP B 140 14.07 -12.16 7.25
CA ASP B 140 14.88 -13.32 7.64
C ASP B 140 15.67 -13.85 6.46
N THR B 141 15.81 -13.02 5.43
CA THR B 141 16.40 -13.54 4.19
C THR B 141 17.92 -13.62 4.38
N GLY B 142 18.44 -12.89 5.34
CA GLY B 142 19.88 -12.80 5.51
C GLY B 142 20.53 -11.98 4.41
N ILE B 143 19.71 -11.31 3.61
CA ILE B 143 20.20 -10.42 2.54
C ILE B 143 20.17 -8.96 3.01
N LYS B 144 21.24 -8.21 2.75
CA LYS B 144 21.25 -6.77 3.04
C LYS B 144 21.09 -5.97 1.75
N ALA B 145 20.44 -4.81 1.86
CA ALA B 145 20.29 -3.94 0.68
C ALA B 145 21.64 -3.28 0.43
N GLY B 146 21.89 -2.90 -0.82
CA GLY B 146 23.13 -2.18 -1.14
C GLY B 146 22.88 -0.71 -1.43
N VAL B 147 21.63 -0.32 -1.66
CA VAL B 147 21.34 1.08 -1.91
C VAL B 147 20.13 1.50 -1.10
N ILE B 148 20.02 2.81 -0.87
CA ILE B 148 18.83 3.37 -0.27
C ILE B 148 18.05 3.99 -1.40
N KCX B 149 16.76 3.73 -1.42
CA KCX B 149 15.95 4.19 -2.52
CB KCX B 149 15.19 3.01 -3.15
CG KCX B 149 14.14 3.47 -4.14
CD KCX B 149 14.84 4.22 -5.29
CE KCX B 149 13.87 4.59 -6.39
NZ KCX B 149 13.30 3.34 -6.92
C KCX B 149 14.97 5.29 -2.09
O KCX B 149 14.13 5.07 -1.19
CX KCX B 149 12.66 3.38 -8.09
OQ1 KCX B 149 12.17 2.34 -8.57
OQ2 KCX B 149 12.57 4.45 -8.68
N LEU B 150 15.07 6.45 -2.73
CA LEU B 150 14.22 7.61 -2.43
C LEU B 150 13.44 8.07 -3.67
N ALA B 151 12.32 8.75 -3.45
CA ALA B 151 11.52 9.27 -4.53
C ALA B 151 10.81 10.54 -4.08
N SER B 152 10.75 11.54 -4.96
CA SER B 152 9.99 12.75 -4.65
C SER B 152 8.86 12.91 -5.66
N SER B 153 7.92 13.81 -5.35
CA SER B 153 6.75 14.05 -6.20
C SER B 153 6.99 15.11 -7.28
N LYS B 154 6.03 15.22 -8.19
CA LYS B 154 6.09 16.20 -9.28
C LYS B 154 6.13 17.63 -8.77
N GLY B 155 7.27 18.28 -8.92
CA GLY B 155 7.37 19.69 -8.58
C GLY B 155 7.61 19.97 -7.10
N ARG B 156 7.66 18.93 -6.27
CA ARG B 156 7.98 19.15 -4.85
C ARG B 156 8.50 17.93 -4.13
N ILE B 157 9.22 18.17 -3.05
CA ILE B 157 9.55 17.11 -2.13
C ILE B 157 8.65 17.37 -0.93
N THR B 158 7.66 16.51 -0.74
CA THR B 158 6.67 16.73 0.33
C THR B 158 7.28 16.54 1.72
N GLU B 159 6.57 16.99 2.74
CA GLU B 159 7.01 16.74 4.12
C GLU B 159 7.13 15.26 4.43
N TYR B 160 6.25 14.44 3.86
CA TYR B 160 6.35 12.98 4.00
C TYR B 160 7.70 12.52 3.40
N GLU B 161 7.94 12.90 2.15
CA GLU B 161 9.15 12.47 1.45
C GLU B 161 10.42 12.96 2.15
N LYS B 162 10.37 14.15 2.73
CA LYS B 162 11.56 14.69 3.39
C LYS B 162 12.03 13.84 4.57
N MET B 163 11.08 13.19 5.24
CA MET B 163 11.41 12.30 6.37
C MET B 163 12.34 11.23 5.87
N PHE B 164 12.01 10.68 4.70
CA PHE B 164 12.79 9.61 4.09
C PHE B 164 14.15 10.13 3.67
N PHE B 165 14.16 11.35 3.11
CA PHE B 165 15.41 11.99 2.70
C PHE B 165 16.32 12.19 3.88
N ARG B 166 15.78 12.75 4.96
CA ARG B 166 16.58 12.97 6.17
C ARG B 166 17.04 11.64 6.76
N ALA B 167 16.13 10.69 6.89
CA ALA B 167 16.51 9.33 7.31
C ALA B 167 17.59 8.78 6.41
N ALA B 168 17.45 8.95 5.10
CA ALA B 168 18.44 8.42 4.15
C ALA B 168 19.82 9.01 4.40
N ALA B 169 19.88 10.33 4.52
CA ALA B 169 21.16 11.01 4.72
C ALA B 169 21.84 10.50 5.98
N ARG B 170 21.05 10.45 7.03
CA ARG B 170 21.52 9.97 8.31
C ARG B 170 22.10 8.57 8.19
N ALA B 171 21.38 7.70 7.48
CA ALA B 171 21.85 6.32 7.28
C ALA B 171 23.09 6.27 6.44
N GLN B 172 23.16 7.10 5.40
CA GLN B 172 24.34 7.07 4.55
C GLN B 172 25.62 7.42 5.32
N LYS B 173 25.54 8.40 6.21
CA LYS B 173 26.70 8.77 7.03
C LYS B 173 27.21 7.57 7.83
N GLU B 174 26.31 6.74 8.35
CA GLU B 174 26.73 5.60 9.16
C GLU B 174 27.32 4.48 8.33
N THR B 175 26.80 4.28 7.12
CA THR B 175 27.03 3.05 6.39
C THR B 175 27.81 3.24 5.11
N GLY B 176 27.82 4.47 4.60
CA GLY B 176 28.38 4.74 3.29
C GLY B 176 27.59 4.08 2.18
N ALA B 177 26.33 3.74 2.46
CA ALA B 177 25.45 3.15 1.44
C ALA B 177 25.18 4.16 0.34
N VAL B 178 25.00 3.66 -0.88
CA VAL B 178 24.63 4.48 -2.03
C VAL B 178 23.16 4.92 -1.94
N ILE B 179 22.87 6.16 -2.29
CA ILE B 179 21.48 6.57 -2.43
C ILE B 179 21.08 6.67 -3.89
N ILE B 180 19.99 6.02 -4.26
CA ILE B 180 19.44 6.19 -5.61
C ILE B 180 18.06 6.84 -5.52
N THR B 181 17.81 7.82 -6.38
CA THR B 181 16.58 8.56 -6.37
C THR B 181 15.70 8.41 -7.60
N HIS B 182 14.45 8.71 -7.38
CA HIS B 182 13.47 8.83 -8.42
C HIS B 182 12.99 10.27 -8.44
N THR B 183 13.03 10.91 -9.59
CA THR B 183 12.46 12.25 -9.76
C THR B 183 11.19 12.10 -10.57
N GLN B 184 10.19 12.90 -10.31
CA GLN B 184 8.90 12.74 -11.00
C GLN B 184 8.75 13.74 -12.17
N GLU B 185 8.54 13.22 -13.38
CA GLU B 185 8.37 14.05 -14.58
C GLU B 185 9.38 15.18 -14.73
N GLY B 186 10.65 14.87 -14.54
CA GLY B 186 11.71 15.83 -14.79
C GLY B 186 11.76 17.04 -13.88
N THR B 187 11.32 16.88 -12.62
CA THR B 187 11.44 17.95 -11.63
C THR B 187 12.25 17.52 -10.40
N MET B 188 12.85 18.52 -9.74
CA MET B 188 13.39 18.42 -8.37
C MET B 188 14.78 17.83 -8.29
N GLY B 189 15.35 17.50 -9.45
CA GLY B 189 16.74 17.04 -9.50
C GLY B 189 17.66 17.83 -8.59
N PRO B 190 17.77 19.14 -8.83
CA PRO B 190 18.74 19.94 -8.06
C PRO B 190 18.30 20.06 -6.61
N GLU B 191 16.99 20.16 -6.39
CA GLU B 191 16.47 20.26 -5.03
C GLU B 191 16.83 19.03 -4.22
N GLN B 192 16.71 17.87 -4.84
CA GLN B 192 17.00 16.60 -4.16
C GLN B 192 18.45 16.60 -3.76
N ALA B 193 19.31 16.92 -4.73
CA ALA B 193 20.75 16.91 -4.48
C ALA B 193 21.10 17.90 -3.36
N ALA B 194 20.54 19.10 -3.46
CA ALA B 194 20.82 20.16 -2.49
C ALA B 194 20.36 19.75 -1.09
N TYR B 195 19.16 19.16 -1.00
CA TYR B 195 18.61 18.79 0.31
C TYR B 195 19.41 17.65 0.95
N LEU B 196 19.82 16.68 0.15
CA LEU B 196 20.58 15.57 0.73
C LEU B 196 21.92 16.09 1.24
N LEU B 197 22.52 17.03 0.48
CA LEU B 197 23.82 17.58 0.88
C LEU B 197 23.72 18.43 2.15
N GLU B 198 22.65 19.21 2.26
CA GLU B 198 22.39 19.93 3.50
C GLU B 198 22.47 19.00 4.70
N HIS B 199 21.95 17.79 4.58
CA HIS B 199 21.94 16.88 5.72
C HIS B 199 23.11 15.91 5.77
N GLY B 200 24.18 16.27 5.07
CA GLY B 200 25.46 15.57 5.22
C GLY B 200 25.71 14.40 4.30
N ALA B 201 24.83 14.17 3.33
CA ALA B 201 25.06 13.07 2.39
C ALA B 201 26.24 13.39 1.49
N ASP B 202 26.87 12.35 0.95
CA ASP B 202 28.03 12.48 0.08
C ASP B 202 27.59 12.39 -1.39
N PRO B 203 27.85 13.45 -2.17
CA PRO B 203 27.41 13.51 -3.57
C PRO B 203 27.95 12.38 -4.41
N LYS B 204 29.13 11.86 -4.06
CA LYS B 204 29.76 10.81 -4.84
C LYS B 204 29.03 9.49 -4.62
N LYS B 205 28.12 9.47 -3.63
CA LYS B 205 27.35 8.29 -3.26
C LYS B 205 25.87 8.48 -3.58
N ILE B 206 25.58 9.39 -4.50
CA ILE B 206 24.19 9.70 -4.83
C ILE B 206 23.96 9.68 -6.34
N VAL B 207 22.95 8.93 -6.75
CA VAL B 207 22.50 8.93 -8.14
C VAL B 207 21.14 9.56 -8.18
N ILE B 208 20.99 10.62 -8.98
CA ILE B 208 19.68 11.25 -9.15
C ILE B 208 19.03 10.63 -10.37
N GLY B 209 17.97 9.86 -10.15
CA GLY B 209 17.41 9.06 -11.23
C GLY B 209 16.37 9.80 -12.04
N HIS B 210 15.95 9.15 -13.14
CA HIS B 210 14.92 9.65 -14.05
C HIS B 210 15.19 11.03 -14.59
N MET B 211 16.48 11.35 -14.69
CA MET B 211 16.88 12.66 -15.19
C MET B 211 16.49 12.83 -16.65
N CYS B 212 16.40 11.71 -17.36
CA CYS B 212 16.01 11.73 -18.77
C CYS B 212 14.59 12.23 -19.01
N GLY B 213 13.85 12.46 -17.94
CA GLY B 213 12.50 13.01 -18.02
C GLY B 213 12.46 14.51 -18.27
N ASN B 214 13.63 15.14 -18.26
CA ASN B 214 13.75 16.56 -18.60
C ASN B 214 14.72 16.74 -19.78
N THR B 215 14.30 17.53 -20.77
CA THR B 215 15.06 17.71 -22.02
C THR B 215 15.95 18.95 -22.03
N ASP B 216 15.89 19.74 -20.97
CA ASP B 216 16.71 20.96 -20.85
C ASP B 216 18.05 20.67 -20.18
N PRO B 217 19.13 20.62 -20.97
CA PRO B 217 20.46 20.29 -20.44
C PRO B 217 20.94 21.26 -19.36
N ASP B 218 20.39 22.48 -19.34
CA ASP B 218 20.64 23.41 -18.24
C ASP B 218 20.17 22.84 -16.89
N TYR B 219 18.98 22.23 -16.89
CA TYR B 219 18.43 21.53 -15.73
C TYR B 219 19.42 20.49 -15.21
N HIS B 220 19.91 19.64 -16.12
CA HIS B 220 20.92 18.63 -15.75
C HIS B 220 22.20 19.21 -15.17
N ARG B 221 22.73 20.25 -15.81
CA ARG B 221 23.99 20.86 -15.37
C ARG B 221 23.84 21.42 -13.96
N LYS B 222 22.66 21.98 -13.70
CA LYS B 222 22.29 22.48 -12.39
C LYS B 222 22.38 21.34 -11.38
N THR B 223 22.03 20.13 -11.82
CA THR B 223 22.05 18.98 -10.90
C THR B 223 23.49 18.48 -10.75
N LEU B 224 24.22 18.47 -11.86
CA LEU B 224 25.59 17.95 -11.90
C LEU B 224 26.54 18.82 -11.11
N ALA B 225 26.22 20.11 -11.02
CA ALA B 225 27.09 21.04 -10.30
C ALA B 225 27.28 20.60 -8.86
N TYR B 226 26.33 19.84 -8.32
CA TYR B 226 26.44 19.32 -6.96
C TYR B 226 27.43 18.14 -6.83
N GLY B 227 27.88 17.62 -7.95
CA GLY B 227 28.84 16.51 -7.93
C GLY B 227 28.20 15.14 -7.80
N VAL B 228 26.89 15.09 -7.90
CA VAL B 228 26.19 13.81 -7.87
C VAL B 228 26.23 13.14 -9.25
N TYR B 229 26.00 11.83 -9.28
CA TYR B 229 25.71 11.14 -10.53
C TYR B 229 24.25 11.40 -10.90
N ILE B 230 23.96 11.39 -12.20
CA ILE B 230 22.58 11.40 -12.69
C ILE B 230 22.37 10.16 -13.54
N ALA B 231 21.13 9.69 -13.60
CA ALA B 231 20.80 8.49 -14.36
C ALA B 231 19.83 8.83 -15.47
N PHE B 232 20.17 8.44 -16.70
CA PHE B 232 19.21 8.45 -17.79
C PHE B 232 18.71 7.02 -17.82
N ASP B 233 17.68 6.75 -17.05
CA ASP B 233 17.38 5.36 -16.75
C ASP B 233 16.02 4.90 -17.23
N CYS B 234 15.38 5.70 -18.09
CA CYS B 234 14.05 5.36 -18.60
C CYS B 234 14.02 5.14 -20.11
N PHE B 235 15.17 4.73 -20.67
CA PHE B 235 15.26 4.41 -22.09
C PHE B 235 14.26 3.35 -22.47
N GLY B 236 13.49 3.62 -23.52
CA GLY B 236 12.47 2.69 -23.97
C GLY B 236 11.09 3.07 -23.47
N ILE B 237 11.05 3.98 -22.49
CA ILE B 237 9.77 4.44 -22.00
C ILE B 237 9.41 5.70 -22.76
N GLN B 238 8.38 5.60 -23.61
CA GLN B 238 7.96 6.72 -24.46
C GLN B 238 6.45 6.87 -24.51
N GLY B 239 5.98 8.11 -24.62
CA GLY B 239 4.56 8.39 -24.79
C GLY B 239 3.70 8.09 -23.58
N MET B 240 4.32 7.89 -22.41
CA MET B 240 3.56 7.65 -21.17
C MET B 240 4.04 8.54 -20.03
N VAL B 241 3.08 8.98 -19.21
CA VAL B 241 3.33 9.87 -18.07
C VAL B 241 4.42 10.93 -18.25
N GLY B 242 4.25 11.78 -19.27
CA GLY B 242 5.15 12.89 -19.52
C GLY B 242 6.53 12.50 -20.02
N ALA B 243 6.68 11.27 -20.49
CA ALA B 243 7.98 10.79 -20.98
C ALA B 243 8.32 11.44 -22.32
N PRO B 244 9.56 11.94 -22.42
CA PRO B 244 10.06 12.36 -23.73
C PRO B 244 10.35 11.12 -24.56
N THR B 245 10.70 11.30 -25.82
CA THR B 245 11.04 10.16 -26.66
C THR B 245 12.49 9.82 -26.45
N ASP B 246 12.89 8.61 -26.82
CA ASP B 246 14.29 8.23 -26.75
C ASP B 246 15.19 9.18 -27.55
N GLU B 247 14.66 9.78 -28.62
CA GLU B 247 15.49 10.69 -29.39
C GLU B 247 15.84 11.94 -28.59
N GLU B 248 14.84 12.48 -27.88
CA GLU B 248 15.08 13.65 -27.02
C GLU B 248 16.07 13.30 -25.93
N ARG B 249 16.01 12.06 -25.45
CA ARG B 249 16.98 11.60 -24.47
C ARG B 249 18.39 11.62 -25.05
N VAL B 250 18.53 10.99 -26.21
CA VAL B 250 19.83 10.93 -26.89
C VAL B 250 20.38 12.31 -27.12
N ARG B 251 19.52 13.21 -27.58
CA ARG B 251 19.92 14.59 -27.88
C ARG B 251 20.48 15.20 -26.61
N THR B 252 19.73 15.06 -25.52
CA THR B 252 20.12 15.61 -24.22
C THR B 252 21.43 14.97 -23.76
N LEU B 253 21.49 13.64 -23.80
CA LEU B 253 22.67 12.91 -23.38
C LEU B 253 23.94 13.37 -24.14
N LEU B 254 23.81 13.51 -25.46
CA LEU B 254 24.93 13.95 -26.30
C LEU B 254 25.52 15.30 -25.88
N ALA B 255 24.64 16.21 -25.46
CA ALA B 255 25.08 17.54 -25.07
C ALA B 255 25.99 17.48 -23.86
N LEU B 256 25.69 16.56 -22.96
CA LEU B 256 26.42 16.46 -21.70
C LEU B 256 27.71 15.68 -21.88
N LEU B 257 27.69 14.72 -22.80
CA LEU B 257 28.88 13.93 -23.07
C LEU B 257 29.93 14.80 -23.75
N ARG B 258 29.48 15.64 -24.67
CA ARG B 258 30.37 16.56 -25.38
C ARG B 258 30.91 17.64 -24.45
N ASP B 259 30.15 17.92 -23.40
CA ASP B 259 30.53 18.94 -22.43
C ASP B 259 31.37 18.33 -21.30
N GLY B 260 31.69 17.03 -21.43
CA GLY B 260 32.61 16.38 -20.52
C GLY B 260 32.08 15.82 -19.20
N TYR B 261 30.81 15.44 -19.16
CA TYR B 261 30.20 14.95 -17.90
C TYR B 261 30.11 13.41 -17.74
N GLU B 262 30.81 12.67 -18.60
CA GLU B 262 30.68 11.20 -18.63
C GLU B 262 30.91 10.52 -17.27
N LYS B 263 31.85 11.05 -16.48
CA LYS B 263 32.12 10.51 -15.14
C LYS B 263 30.97 10.68 -14.14
N GLN B 264 29.87 11.28 -14.59
CA GLN B 264 28.74 11.54 -13.70
C GLN B 264 27.43 10.97 -14.23
N ILE B 265 27.49 10.24 -15.35
CA ILE B 265 26.27 9.78 -16.02
C ILE B 265 26.21 8.26 -16.08
N MET B 266 25.01 7.71 -15.87
CA MET B 266 24.75 6.28 -16.01
C MET B 266 23.44 6.04 -16.74
N LEU B 267 23.33 4.88 -17.41
CA LEU B 267 22.18 4.60 -18.27
C LEU B 267 21.47 3.31 -17.88
N SER B 268 20.16 3.24 -18.19
CA SER B 268 19.34 2.07 -17.86
C SER B 268 17.96 2.20 -18.50
N HIS B 269 17.12 1.18 -18.32
CA HIS B 269 15.79 1.15 -18.92
C HIS B 269 14.63 1.22 -17.91
N ASN B 270 14.91 0.94 -16.63
CA ASN B 270 13.83 0.90 -15.66
C ASN B 270 12.72 -0.09 -16.07
N THR B 271 13.13 -1.23 -16.61
CA THR B 271 12.19 -2.28 -17.00
C THR B 271 11.49 -2.83 -15.77
N VAL B 272 10.25 -3.29 -15.98
CA VAL B 272 9.55 -4.19 -15.08
C VAL B 272 9.38 -5.50 -15.86
N ASN B 273 10.09 -6.55 -15.48
CA ASN B 273 10.02 -7.79 -16.24
C ASN B 273 8.83 -8.68 -15.86
N VAL B 274 8.46 -8.65 -14.58
CA VAL B 274 7.23 -9.27 -14.11
C VAL B 274 6.43 -8.24 -13.34
N TRP B 275 5.26 -7.90 -13.85
CA TRP B 275 4.35 -7.03 -13.16
C TRP B 275 3.60 -7.80 -12.10
N LEU B 276 3.52 -7.21 -10.90
CA LEU B 276 2.75 -7.83 -9.83
C LEU B 276 1.34 -7.27 -9.86
N GLY B 277 0.39 -8.02 -9.32
CA GLY B 277 -1.00 -7.61 -9.39
C GLY B 277 -1.62 -8.15 -10.66
N ARG B 278 -2.71 -7.53 -11.10
CA ARG B 278 -3.53 -8.06 -12.19
C ARG B 278 -2.84 -7.81 -13.53
N PRO B 279 -2.78 -8.86 -14.38
CA PRO B 279 -2.23 -8.70 -15.73
C PRO B 279 -3.00 -7.62 -16.47
N PHE B 280 -2.34 -6.93 -17.36
CA PHE B 280 -2.95 -5.90 -18.14
C PHE B 280 -2.33 -5.85 -19.52
N THR B 281 -3.02 -5.25 -20.45
CA THR B 281 -2.43 -5.03 -21.73
C THR B 281 -2.55 -3.61 -22.07
N LEU B 282 -1.46 -3.01 -22.50
CA LEU B 282 -1.50 -1.66 -22.99
C LEU B 282 -2.30 -1.55 -24.29
N PRO B 283 -3.09 -0.50 -24.41
CA PRO B 283 -3.83 -0.23 -25.62
C PRO B 283 -2.88 0.23 -26.71
N GLU B 284 -3.23 -0.06 -27.95
CA GLU B 284 -2.32 -0.01 -29.10
C GLU B 284 -1.78 1.34 -29.38
N PRO B 285 -2.48 2.35 -28.93
CA PRO B 285 -1.91 3.69 -28.99
C PRO B 285 -0.65 3.79 -28.13
N PHE B 286 -0.76 3.37 -26.88
CA PHE B 286 0.37 3.29 -25.96
C PHE B 286 1.37 2.20 -26.33
N ALA B 287 0.88 1.06 -26.75
CA ALA B 287 1.71 -0.12 -26.93
C ALA B 287 2.83 0.00 -27.92
N GLU B 288 2.58 0.66 -29.04
CA GLU B 288 3.61 0.84 -30.03
C GLU B 288 4.77 1.70 -29.54
N MET B 289 4.46 2.74 -28.79
CA MET B 289 5.48 3.67 -28.31
C MET B 289 6.46 2.99 -27.34
N MET B 290 5.96 1.97 -26.65
CA MET B 290 6.70 1.31 -25.57
C MET B 290 7.43 0.05 -26.05
N LYS B 291 7.29 -0.28 -27.33
CA LYS B 291 7.75 -1.56 -27.86
C LYS B 291 9.23 -1.83 -27.57
N ASN B 292 10.04 -0.78 -27.41
CA ASN B 292 11.47 -0.96 -27.15
C ASN B 292 11.85 -1.04 -25.67
N TRP B 293 10.86 -1.06 -24.79
CA TRP B 293 11.11 -1.08 -23.35
C TRP B 293 11.50 -2.50 -22.89
N HIS B 294 12.75 -2.89 -23.14
CA HIS B 294 13.27 -4.19 -22.70
C HIS B 294 14.76 -4.06 -22.43
N VAL B 295 15.34 -5.05 -21.76
CA VAL B 295 16.72 -4.89 -21.27
C VAL B 295 17.86 -4.94 -22.30
N GLU B 296 17.54 -5.12 -23.58
CA GLU B 296 18.61 -5.16 -24.58
C GLU B 296 18.72 -3.84 -25.36
N HIS B 297 17.65 -3.05 -25.23
CA HIS B 297 17.43 -1.85 -26.02
C HIS B 297 18.61 -0.86 -25.99
N LEU B 298 19.16 -0.64 -24.81
CA LEU B 298 20.41 0.13 -24.71
C LEU B 298 21.50 -0.47 -25.61
N PHE B 299 21.72 -1.76 -25.51
CA PHE B 299 22.76 -2.43 -26.21
C PHE B 299 22.57 -2.51 -27.71
N VAL B 300 21.33 -2.70 -28.09
CA VAL B 300 20.95 -2.94 -29.43
C VAL B 300 20.58 -1.71 -30.26
N ASN B 301 20.04 -0.68 -29.62
CA ASN B 301 19.63 0.52 -30.33
C ASN B 301 20.21 1.84 -29.88
N ILE B 302 20.45 2.00 -28.62
CA ILE B 302 20.92 3.29 -28.11
C ILE B 302 22.42 3.48 -28.23
N ILE B 303 23.20 2.54 -27.71
CA ILE B 303 24.65 2.57 -27.83
C ILE B 303 25.13 2.66 -29.30
N PRO B 304 24.53 1.88 -30.22
CA PRO B 304 24.90 2.04 -31.64
C PRO B 304 24.78 3.48 -32.15
N ALA B 305 23.64 4.12 -31.89
CA ALA B 305 23.45 5.50 -32.28
C ALA B 305 24.53 6.41 -31.69
N LEU B 306 24.89 6.17 -30.43
CA LEU B 306 25.93 6.96 -29.77
C LEU B 306 27.30 6.83 -30.43
N LYS B 307 27.62 5.61 -30.88
CA LYS B 307 28.87 5.37 -31.60
C LYS B 307 28.86 6.20 -32.87
N ASN B 308 27.76 6.12 -33.61
CA ASN B 308 27.56 6.83 -34.87
C ASN B 308 27.63 8.35 -34.72
N GLU B 309 27.43 8.82 -33.49
CA GLU B 309 27.57 10.22 -33.18
C GLU B 309 28.92 10.43 -32.51
N GLY B 310 29.81 9.47 -32.70
CA GLY B 310 31.18 9.61 -32.26
C GLY B 310 31.42 9.57 -30.76
N ILE B 311 30.58 8.86 -30.01
CA ILE B 311 30.93 8.60 -28.63
C ILE B 311 31.92 7.42 -28.63
N ARG B 312 33.01 7.60 -27.87
CA ARG B 312 34.10 6.62 -27.82
C ARG B 312 33.83 5.50 -26.82
N ASP B 313 34.41 4.33 -27.10
CA ASP B 313 34.25 3.17 -26.22
C ASP B 313 34.81 3.44 -24.82
N GLU B 314 35.83 4.28 -24.73
CA GLU B 314 36.41 4.68 -23.44
C GLU B 314 35.34 5.34 -22.57
N VAL B 315 34.51 6.16 -23.21
CA VAL B 315 33.43 6.92 -22.56
C VAL B 315 32.33 5.99 -22.03
N LEU B 316 31.80 5.15 -22.91
CA LEU B 316 30.77 4.17 -22.54
C LEU B 316 31.23 3.27 -21.39
N GLU B 317 32.49 2.89 -21.41
CA GLU B 317 33.04 2.07 -20.34
C GLU B 317 33.10 2.84 -19.01
N GLN B 318 33.32 4.15 -19.08
CA GLN B 318 33.24 4.97 -17.88
C GLN B 318 31.83 4.91 -17.32
N MET B 319 30.83 4.87 -18.21
CA MET B 319 29.44 4.83 -17.78
C MET B 319 29.01 3.50 -17.16
N PHE B 320 29.25 2.40 -17.86
CA PHE B 320 28.82 1.08 -17.37
C PHE B 320 29.79 0.38 -16.42
N ILE B 321 31.06 0.74 -16.48
CA ILE B 321 32.04 0.07 -15.62
C ILE B 321 32.65 0.98 -14.56
N GLY B 322 33.28 2.06 -15.01
CA GLY B 322 33.99 2.97 -14.12
C GLY B 322 33.07 3.67 -13.13
N ASN B 323 31.97 4.23 -13.63
CA ASN B 323 31.00 4.91 -12.77
C ASN B 323 30.36 4.03 -11.68
N PRO B 324 29.83 2.85 -12.04
CA PRO B 324 29.29 2.02 -10.97
C PRO B 324 30.38 1.71 -9.96
N ALA B 325 31.58 1.46 -10.45
CA ALA B 325 32.68 1.06 -9.60
C ALA B 325 33.04 2.18 -8.64
N ALA B 326 33.18 3.39 -9.18
CA ALA B 326 33.44 4.56 -8.35
C ALA B 326 32.29 4.80 -7.37
N LEU B 327 31.06 4.68 -7.87
CA LEU B 327 29.86 4.88 -7.05
C LEU B 327 29.87 3.99 -5.81
N PHE B 328 30.11 2.70 -6.00
CA PHE B 328 30.11 1.77 -4.88
C PHE B 328 31.41 1.75 -4.05
N SER B 329 32.52 2.20 -4.66
CA SER B 329 33.76 2.46 -3.92
C SER B 329 33.89 3.93 -3.53
FE FE C . -12.62 -0.52 10.85
ZN ZN D . -13.09 2.66 9.30
O OH E . -11.64 1.61 10.76
C1 HL4 F . -8.62 1.64 13.34
C2 HL4 F . -8.86 2.18 11.96
C4 HL4 F . -9.48 0.03 12.05
C5 HL4 F . -9.55 0.61 13.42
O6 HL4 F . -8.30 3.11 11.51
N7 HL4 F . -8.86 2.60 14.39
C8 HL4 F . -7.72 3.41 14.84
O9 HL4 F . -6.66 3.24 14.30
C10 HL4 F . -7.83 4.44 15.93
C11 HL4 F . -6.57 5.12 16.31
C13 HL4 F . -5.65 4.47 17.37
OAP HL4 F . -9.39 1.14 11.22
FE FE G . 12.27 2.09 -11.06
ZN ZN H . 11.31 5.42 -10.38
O OH I . 10.41 3.50 -11.42
C1 HL4 J . 7.72 1.78 -14.00
C2 HL4 J . 7.70 2.62 -12.77
C4 HL4 J . 9.22 0.99 -12.53
C5 HL4 J . 9.01 1.24 -13.99
O6 HL4 J . 6.82 3.33 -12.46
N7 HL4 J . 7.52 2.54 -15.21
C8 HL4 J . 6.25 2.38 -15.92
O9 HL4 J . 5.44 1.63 -15.44
C10 HL4 J . 5.90 3.10 -17.18
C11 HL4 J . 4.48 3.09 -17.56
C13 HL4 J . 3.88 1.83 -18.19
OAP HL4 J . 8.60 2.05 -11.89
#